data_8QQL
#
_entry.id   8QQL
#
_cell.length_a   1.00
_cell.length_b   1.00
_cell.length_c   1.00
_cell.angle_alpha   90.00
_cell.angle_beta   90.00
_cell.angle_gamma   90.00
#
_symmetry.space_group_name_H-M   'P 1'
#
_entity_poly.entity_id   1
_entity_poly.type   'polypeptide(L)'
_entity_poly.pdbx_seq_one_letter_code
;RFVKKDGHCNVQFINVGEKGQRYLADIFTTCVDIRWRWMLVIFCLAFVLSWLFFGCVFWLIALLHGDLDASKEGKACVSE
VNSFTAAFLFSIETQTTIGYGFRCVTDECPIAVFMVVFQSIVGCIIDAFIIGAVMAKMAKPKKRNETLVFSHNAVIAMRD
GKLCLMWRVGNLRKSHLVEAHVRAQLLKSRITSEGEYIPLDQIDINVGFDSGIDRIFLVSPITIVHEIDEDSPLYDLSKQ
DIDNADFEIVVILEGMVEATAMTTQCHSSYLANEILWGHRYEPVLFEEKHYYKVDYSRFHKTYEVPNTPLCSARDLA
;
_entity_poly.pdbx_strand_id   B,C,D,A
#
# COMPACT_ATOMS: atom_id res chain seq x y z
N ARG A 1 31.94 -4.62 -13.08
CA ARG A 1 30.72 -4.59 -13.87
C ARG A 1 29.71 -5.59 -13.34
N PHE A 2 28.92 -5.17 -12.35
CA PHE A 2 27.92 -6.04 -11.73
C PHE A 2 26.74 -5.17 -11.30
N VAL A 3 25.86 -5.75 -10.48
CA VAL A 3 24.73 -5.03 -9.92
C VAL A 3 24.71 -5.11 -8.39
N LYS A 4 24.96 -6.28 -7.83
CA LYS A 4 24.94 -6.48 -6.38
C LYS A 4 26.18 -5.93 -5.70
N LYS A 5 27.32 -5.96 -6.38
CA LYS A 5 28.62 -5.71 -5.76
C LYS A 5 29.34 -4.53 -6.41
N ASP A 6 28.61 -3.47 -6.73
CA ASP A 6 29.21 -2.28 -7.33
C ASP A 6 29.12 -1.12 -6.34
N GLY A 7 29.63 0.04 -6.77
CA GLY A 7 29.73 1.20 -5.91
C GLY A 7 30.99 1.14 -5.06
N HIS A 8 32.13 0.92 -5.71
CA HIS A 8 33.39 0.65 -5.03
C HIS A 8 34.04 1.97 -4.63
N CYS A 9 34.16 2.20 -3.32
CA CYS A 9 34.59 3.51 -2.83
C CYS A 9 35.54 3.50 -1.64
N ASN A 10 35.77 2.37 -0.94
CA ASN A 10 36.35 2.45 0.39
C ASN A 10 37.21 1.24 0.74
N VAL A 11 38.52 1.47 0.93
CA VAL A 11 39.41 0.58 1.67
C VAL A 11 40.38 1.43 2.47
N GLN A 12 41.14 0.77 3.34
CA GLN A 12 42.30 1.37 3.98
C GLN A 12 43.60 0.65 3.63
N PHE A 13 43.65 -0.68 3.86
CA PHE A 13 44.76 -1.50 3.38
C PHE A 13 44.26 -2.89 2.95
N ILE A 14 42.95 -3.10 2.94
CA ILE A 14 42.37 -4.40 2.65
C ILE A 14 42.34 -4.68 1.16
N ASN A 15 41.93 -3.68 0.36
CA ASN A 15 41.81 -3.81 -1.08
C ASN A 15 40.89 -4.97 -1.47
N ALA A 25 18.21 -12.43 20.46
CA ALA A 25 18.84 -12.38 19.16
C ALA A 25 17.90 -11.78 18.12
N ASP A 26 18.46 -11.02 17.17
CA ASP A 26 17.70 -10.36 16.13
C ASP A 26 18.06 -11.00 14.78
N ILE A 27 17.08 -11.63 14.15
CA ILE A 27 17.27 -12.19 12.82
C ILE A 27 16.45 -11.39 11.82
N PHE A 28 15.11 -11.47 11.96
CA PHE A 28 14.15 -10.61 11.29
C PHE A 28 14.56 -10.12 9.90
N THR A 29 14.70 -8.80 9.79
CA THR A 29 15.21 -8.10 8.60
C THR A 29 14.50 -8.60 7.35
N THR A 30 15.19 -8.57 6.22
CA THR A 30 14.65 -9.15 5.00
C THR A 30 14.88 -10.66 4.93
N CYS A 31 15.76 -11.19 5.78
CA CYS A 31 16.06 -12.63 5.72
C CYS A 31 14.89 -13.48 6.19
N VAL A 32 13.89 -12.89 6.82
CA VAL A 32 12.64 -13.63 7.09
C VAL A 32 11.76 -13.60 5.85
N ASP A 33 11.92 -14.58 4.98
CA ASP A 33 11.14 -14.66 3.75
C ASP A 33 10.98 -16.13 3.38
N ILE A 34 10.56 -16.39 2.14
CA ILE A 34 10.32 -17.75 1.66
C ILE A 34 10.98 -17.90 0.29
N ARG A 35 11.40 -19.13 -0.02
CA ARG A 35 12.01 -19.44 -1.31
C ARG A 35 11.30 -20.60 -1.98
N TRP A 36 9.97 -20.52 -2.07
CA TRP A 36 9.13 -21.57 -2.62
C TRP A 36 9.28 -22.85 -1.80
N ARG A 37 10.10 -23.78 -2.26
CA ARG A 37 10.34 -25.02 -1.52
C ARG A 37 11.52 -24.88 -0.57
N TRP A 38 11.54 -23.79 0.18
CA TRP A 38 12.62 -23.48 1.11
C TRP A 38 12.12 -22.47 2.12
N MET A 39 12.95 -22.22 3.14
CA MET A 39 12.79 -21.20 4.17
C MET A 39 11.64 -21.47 5.13
N LEU A 40 10.85 -22.52 4.94
CA LEU A 40 9.95 -22.99 5.98
C LEU A 40 10.65 -23.92 6.97
N VAL A 41 11.85 -24.38 6.61
CA VAL A 41 12.62 -25.24 7.51
C VAL A 41 13.02 -24.49 8.77
N ILE A 42 13.36 -23.20 8.64
CA ILE A 42 13.71 -22.41 9.82
C ILE A 42 12.51 -22.30 10.75
N PHE A 43 11.31 -22.09 10.19
CA PHE A 43 10.11 -22.03 11.01
C PHE A 43 9.86 -23.35 11.71
N CYS A 44 9.97 -24.46 10.97
CA CYS A 44 9.67 -25.76 11.57
C CYS A 44 10.70 -26.11 12.63
N LEU A 45 11.96 -25.72 12.44
CA LEU A 45 12.98 -26.03 13.44
C LEU A 45 12.80 -25.17 14.69
N ALA A 46 12.41 -23.90 14.52
CA ALA A 46 12.05 -23.11 15.68
C ALA A 46 10.90 -23.75 16.44
N PHE A 47 9.90 -24.24 15.69
CA PHE A 47 8.78 -24.95 16.30
C PHE A 47 9.27 -26.13 17.13
N VAL A 48 10.07 -27.00 16.52
CA VAL A 48 10.44 -28.24 17.20
C VAL A 48 11.36 -27.94 18.39
N LEU A 49 12.22 -26.93 18.29
CA LEU A 49 13.04 -26.58 19.45
C LEU A 49 12.18 -26.06 20.60
N SER A 50 11.19 -25.22 20.31
CA SER A 50 10.28 -24.79 21.37
C SER A 50 9.55 -25.98 21.98
N TRP A 51 9.09 -26.91 21.13
CA TRP A 51 8.34 -28.06 21.59
C TRP A 51 9.20 -28.95 22.48
N LEU A 52 10.45 -29.17 22.09
CA LEU A 52 11.36 -29.99 22.88
C LEU A 52 11.72 -29.30 24.19
N PHE A 53 11.84 -27.97 24.19
CA PHE A 53 12.08 -27.25 25.44
C PHE A 53 10.92 -27.46 26.40
N PHE A 54 9.69 -27.30 25.90
CA PHE A 54 8.53 -27.53 26.75
C PHE A 54 8.51 -28.97 27.26
N GLY A 55 8.82 -29.93 26.38
CA GLY A 55 8.79 -31.33 26.77
C GLY A 55 9.83 -31.68 27.83
N CYS A 56 11.04 -31.15 27.69
CA CYS A 56 12.08 -31.45 28.67
C CYS A 56 11.77 -30.79 30.02
N VAL A 57 11.23 -29.56 30.00
CA VAL A 57 10.78 -28.96 31.25
C VAL A 57 9.70 -29.82 31.88
N PHE A 58 8.78 -30.34 31.07
CA PHE A 58 7.70 -31.18 31.59
C PHE A 58 8.26 -32.46 32.21
N TRP A 59 9.23 -33.08 31.56
CA TRP A 59 9.80 -34.31 32.11
C TRP A 59 10.53 -34.05 33.41
N LEU A 60 11.34 -32.99 33.47
CA LEU A 60 12.06 -32.69 34.70
C LEU A 60 11.11 -32.40 35.84
N ILE A 61 10.07 -31.59 35.58
CA ILE A 61 9.12 -31.29 36.64
C ILE A 61 8.31 -32.53 37.03
N ALA A 62 7.98 -33.41 36.07
CA ALA A 62 7.31 -34.65 36.42
C ALA A 62 8.19 -35.51 37.30
N LEU A 63 9.51 -35.42 37.11
CA LEU A 63 10.42 -36.05 38.05
C LEU A 63 10.39 -35.36 39.41
N LEU A 64 10.09 -34.06 39.45
CA LEU A 64 10.10 -33.31 40.71
C LEU A 64 8.75 -32.70 41.06
N HIS A 65 7.65 -33.19 40.49
CA HIS A 65 6.34 -32.62 40.77
C HIS A 65 5.84 -33.08 42.14
N GLY A 66 4.75 -32.45 42.59
CA GLY A 66 4.14 -32.83 43.85
C GLY A 66 3.64 -34.27 43.84
N ASP A 67 2.98 -34.67 42.75
CA ASP A 67 2.58 -36.05 42.57
C ASP A 67 3.72 -36.95 42.11
N LEU A 68 4.88 -36.36 41.79
CA LEU A 68 6.10 -37.09 41.46
C LEU A 68 5.91 -37.93 40.20
N ASP A 69 6.89 -38.77 39.88
CA ASP A 69 6.82 -39.61 38.71
C ASP A 69 5.83 -40.74 38.92
N ALA A 70 4.98 -40.97 37.93
CA ALA A 70 4.02 -42.08 37.91
C ALA A 70 3.03 -42.01 39.08
N SER A 71 2.78 -40.81 39.60
CA SER A 71 1.75 -40.56 40.61
C SER A 71 1.99 -41.42 41.86
N LYS A 72 3.12 -41.14 42.51
CA LYS A 72 3.44 -41.85 43.75
C LYS A 72 2.56 -41.43 44.91
N GLU A 73 1.84 -40.31 44.78
CA GLU A 73 1.01 -39.80 45.86
C GLU A 73 -0.46 -40.22 45.74
N GLY A 74 -0.89 -40.69 44.57
CA GLY A 74 -2.29 -41.00 44.35
C GLY A 74 -3.10 -39.74 44.10
N LYS A 75 -4.09 -39.82 43.21
CA LYS A 75 -4.86 -38.66 42.78
C LYS A 75 -3.91 -37.58 42.23
N ALA A 76 -3.27 -37.95 41.13
CA ALA A 76 -2.15 -37.17 40.60
C ALA A 76 -2.55 -35.74 40.27
N CYS A 77 -1.64 -34.81 40.57
CA CYS A 77 -1.85 -33.42 40.17
C CYS A 77 -1.86 -33.30 38.65
N VAL A 78 -1.24 -34.26 37.95
CA VAL A 78 -1.19 -34.29 36.50
C VAL A 78 -0.80 -35.71 36.09
N SER A 79 -1.37 -36.17 34.98
CA SER A 79 -1.04 -37.50 34.45
C SER A 79 0.41 -37.49 34.02
N GLU A 80 1.25 -38.17 34.78
CA GLU A 80 2.69 -38.17 34.51
C GLU A 80 3.00 -38.92 33.22
N VAL A 81 4.01 -38.43 32.50
CA VAL A 81 4.36 -39.03 31.22
C VAL A 81 5.11 -40.33 31.44
N ASN A 82 5.09 -41.18 30.41
CA ASN A 82 5.81 -42.46 30.48
C ASN A 82 7.31 -42.25 30.60
N SER A 83 7.86 -41.32 29.84
CA SER A 83 9.30 -41.10 29.81
C SER A 83 9.58 -39.69 29.28
N PHE A 84 10.85 -39.45 28.93
CA PHE A 84 11.27 -38.15 28.41
C PHE A 84 10.65 -37.90 27.04
N THR A 85 10.63 -38.92 26.18
CA THR A 85 9.95 -38.80 24.90
C THR A 85 8.45 -38.62 25.10
N ALA A 86 7.88 -39.30 26.09
CA ALA A 86 6.47 -39.11 26.39
C ALA A 86 6.21 -37.68 26.85
N ALA A 87 7.17 -37.07 27.53
CA ALA A 87 7.02 -35.67 27.90
C ALA A 87 7.09 -34.76 26.69
N PHE A 88 7.98 -35.07 25.74
CA PHE A 88 7.99 -34.36 24.46
C PHE A 88 6.62 -34.40 23.79
N LEU A 89 6.05 -35.61 23.73
CA LEU A 89 4.73 -35.75 23.11
C LEU A 89 3.65 -35.04 23.90
N PHE A 90 3.77 -35.04 25.23
CA PHE A 90 2.86 -34.29 26.08
C PHE A 90 2.89 -32.81 25.73
N SER A 91 4.09 -32.25 25.60
CA SER A 91 4.23 -30.85 25.23
C SER A 91 3.58 -30.58 23.89
N ILE A 92 3.91 -31.38 22.88
CA ILE A 92 3.38 -31.17 21.54
C ILE A 92 1.85 -31.27 21.55
N GLU A 93 1.33 -32.30 22.21
CA GLU A 93 -0.11 -32.47 22.37
C GLU A 93 -0.75 -31.20 22.94
N THR A 94 -0.23 -30.71 24.06
CA THR A 94 -0.85 -29.57 24.71
C THR A 94 -0.82 -28.33 23.85
N GLN A 95 0.36 -27.97 23.34
CA GLN A 95 0.51 -26.70 22.64
C GLN A 95 -0.22 -26.70 21.30
N THR A 96 -0.19 -27.83 20.58
CA THR A 96 -0.82 -27.92 19.27
C THR A 96 -2.34 -27.93 19.35
N THR A 97 -2.89 -27.74 20.56
CA THR A 97 -4.34 -27.62 20.76
C THR A 97 -5.06 -28.87 20.25
N ILE A 98 -4.59 -30.02 20.72
CA ILE A 98 -5.21 -31.31 20.43
C ILE A 98 -5.95 -31.85 21.64
N GLY A 99 -5.27 -32.02 22.76
CA GLY A 99 -5.92 -32.19 24.04
C GLY A 99 -6.71 -33.46 24.26
N TYR A 100 -6.01 -34.60 24.39
CA TYR A 100 -6.68 -35.85 24.69
C TYR A 100 -7.27 -35.84 26.10
N GLY A 101 -6.41 -35.69 27.10
CA GLY A 101 -6.86 -35.65 28.48
C GLY A 101 -6.44 -36.84 29.30
N PHE A 102 -6.46 -38.03 28.69
CA PHE A 102 -6.08 -39.23 29.43
C PHE A 102 -4.63 -39.17 29.89
N ARG A 103 -3.74 -38.67 29.02
CA ARG A 103 -2.35 -38.45 29.39
C ARG A 103 -2.10 -37.02 29.85
N CYS A 104 -3.09 -36.15 29.77
CA CYS A 104 -2.88 -34.73 30.06
C CYS A 104 -3.18 -34.39 31.52
N VAL A 105 -3.30 -33.09 31.80
CA VAL A 105 -3.41 -32.64 33.18
C VAL A 105 -4.65 -33.25 33.84
N THR A 106 -4.58 -33.37 35.16
CA THR A 106 -5.67 -33.91 35.98
C THR A 106 -6.14 -32.82 36.94
N ASP A 107 -6.92 -33.21 37.95
CA ASP A 107 -7.43 -32.28 38.95
C ASP A 107 -6.36 -31.27 39.36
N GLU A 108 -6.79 -30.02 39.50
CA GLU A 108 -5.87 -28.89 39.62
C GLU A 108 -4.97 -29.04 40.84
N CYS A 109 -3.73 -28.58 40.70
CA CYS A 109 -2.71 -28.62 41.73
C CYS A 109 -1.91 -27.33 41.65
N PRO A 110 -1.56 -26.71 42.79
CA PRO A 110 -0.96 -25.37 42.76
C PRO A 110 0.18 -25.21 41.77
N ILE A 111 1.23 -26.02 41.91
CA ILE A 111 2.33 -25.98 40.96
C ILE A 111 1.84 -26.39 39.57
N ALA A 112 0.95 -27.38 39.50
CA ALA A 112 0.38 -27.77 38.21
C ALA A 112 -0.43 -26.63 37.62
N VAL A 113 -1.18 -25.90 38.45
CA VAL A 113 -1.92 -24.74 37.96
C VAL A 113 -0.98 -23.71 37.37
N PHE A 114 0.10 -23.39 38.10
CA PHE A 114 1.04 -22.40 37.60
C PHE A 114 1.63 -22.84 36.26
N MET A 115 2.13 -24.08 36.18
CA MET A 115 2.76 -24.51 34.95
C MET A 115 1.77 -24.51 33.79
N VAL A 116 0.54 -24.97 34.04
CA VAL A 116 -0.41 -25.08 32.93
C VAL A 116 -0.85 -23.69 32.45
N VAL A 117 -0.94 -22.71 33.35
CA VAL A 117 -1.28 -21.38 32.88
C VAL A 117 -0.12 -20.78 32.08
N PHE A 118 1.13 -21.01 32.51
CA PHE A 118 2.22 -20.56 31.66
C PHE A 118 2.26 -21.31 30.33
N GLN A 119 1.82 -22.57 30.32
CA GLN A 119 1.76 -23.30 29.06
C GLN A 119 0.69 -22.74 28.13
N SER A 120 -0.45 -22.33 28.69
CA SER A 120 -1.45 -21.63 27.89
C SER A 120 -0.87 -20.35 27.32
N ILE A 121 -0.09 -19.64 28.11
CA ILE A 121 0.56 -18.42 27.63
C ILE A 121 1.50 -18.74 26.47
N VAL A 122 2.38 -19.74 26.66
CA VAL A 122 3.34 -20.06 25.61
C VAL A 122 2.60 -20.54 24.37
N GLY A 123 1.47 -21.22 24.54
CA GLY A 123 0.69 -21.63 23.39
C GLY A 123 0.10 -20.47 22.61
N CYS A 124 -0.49 -19.50 23.32
CA CYS A 124 -1.10 -18.39 22.59
C CYS A 124 -0.03 -17.53 21.90
N ILE A 125 1.07 -17.24 22.58
CA ILE A 125 2.12 -16.48 21.89
C ILE A 125 2.82 -17.31 20.81
N ILE A 126 2.88 -18.63 20.94
CA ILE A 126 3.46 -19.35 19.81
C ILE A 126 2.53 -19.32 18.63
N ASP A 127 1.22 -19.42 18.86
CA ASP A 127 0.27 -19.23 17.77
C ASP A 127 0.45 -17.84 17.15
N ALA A 128 0.78 -16.86 17.98
CA ALA A 128 1.14 -15.56 17.43
C ALA A 128 2.39 -15.66 16.56
N PHE A 129 3.35 -16.49 16.97
CA PHE A 129 4.54 -16.66 16.14
C PHE A 129 4.17 -17.21 14.78
N ILE A 130 3.28 -18.19 14.74
CA ILE A 130 2.80 -18.70 13.45
C ILE A 130 2.08 -17.60 12.67
N ILE A 131 1.19 -16.86 13.33
CA ILE A 131 0.46 -15.82 12.60
C ILE A 131 1.44 -14.79 12.07
N GLY A 132 2.63 -14.72 12.65
CA GLY A 132 3.68 -13.91 12.08
C GLY A 132 4.24 -14.55 10.82
N ALA A 133 3.46 -15.42 10.19
CA ALA A 133 3.86 -16.00 8.92
C ALA A 133 4.07 -14.90 7.90
N VAL A 134 5.01 -15.12 7.00
CA VAL A 134 5.28 -14.18 5.92
C VAL A 134 4.10 -14.14 4.97
N MET A 135 3.93 -13.02 4.28
CA MET A 135 2.89 -12.89 3.28
C MET A 135 3.49 -12.61 1.91
N ALA A 136 4.39 -13.47 1.46
CA ALA A 136 5.02 -13.27 0.16
C ALA A 136 3.99 -13.56 -0.92
N LYS A 137 3.18 -12.54 -1.22
CA LYS A 137 1.92 -12.66 -1.95
C LYS A 137 1.83 -11.59 -3.01
N MET A 138 0.61 -11.29 -3.45
CA MET A 138 0.33 -10.26 -4.45
C MET A 138 1.21 -9.02 -4.28
N ALA A 139 1.46 -8.61 -3.03
CA ALA A 139 2.29 -7.44 -2.78
C ALA A 139 3.76 -7.75 -3.02
N LYS A 140 4.23 -8.93 -2.61
CA LYS A 140 5.64 -9.30 -2.68
C LYS A 140 5.78 -10.64 -3.38
N PRO A 141 5.68 -10.67 -4.70
CA PRO A 141 5.81 -11.93 -5.44
C PRO A 141 7.25 -12.20 -5.85
N LYS A 142 7.53 -13.48 -6.11
CA LYS A 142 8.83 -13.87 -6.64
C LYS A 142 8.87 -13.87 -8.16
N LYS A 143 7.72 -13.95 -8.82
CA LYS A 143 7.63 -13.90 -10.28
C LYS A 143 7.20 -12.48 -10.65
N ARG A 144 8.16 -11.68 -11.08
CA ARG A 144 7.92 -10.29 -11.43
C ARG A 144 7.09 -10.18 -12.70
N ASN A 145 6.20 -9.18 -12.72
CA ASN A 145 5.39 -8.88 -13.90
C ASN A 145 6.27 -8.17 -14.94
N GLU A 146 7.18 -8.95 -15.53
CA GLU A 146 8.16 -8.43 -16.49
C GLU A 146 8.02 -9.17 -17.82
N THR A 147 6.78 -9.32 -18.28
CA THR A 147 6.49 -10.03 -19.52
C THR A 147 6.86 -9.21 -20.76
N LEU A 148 7.47 -8.04 -20.57
CA LEU A 148 7.88 -7.18 -21.66
C LEU A 148 9.21 -7.66 -22.21
N VAL A 149 9.20 -8.26 -23.40
CA VAL A 149 10.42 -8.54 -24.14
C VAL A 149 10.96 -7.21 -24.66
N PHE A 150 12.17 -6.85 -24.24
CA PHE A 150 12.68 -5.53 -24.59
C PHE A 150 13.27 -5.53 -25.99
N SER A 151 14.37 -6.25 -26.21
CA SER A 151 14.98 -6.36 -27.53
C SER A 151 16.11 -7.38 -27.43
N HIS A 152 16.87 -7.47 -28.52
CA HIS A 152 18.04 -8.33 -28.68
C HIS A 152 19.08 -7.52 -29.43
N ASN A 153 20.01 -8.18 -30.13
CA ASN A 153 21.00 -7.46 -30.93
C ASN A 153 20.34 -6.29 -31.64
N ALA A 154 20.78 -5.08 -31.29
CA ALA A 154 19.98 -3.88 -31.52
C ALA A 154 20.25 -3.29 -32.90
N VAL A 155 19.66 -2.12 -33.16
CA VAL A 155 19.65 -1.50 -34.47
C VAL A 155 20.03 -0.03 -34.32
N ILE A 156 20.46 0.57 -35.43
CA ILE A 156 20.79 2.00 -35.42
C ILE A 156 20.00 2.73 -36.50
N ALA A 157 20.22 2.34 -37.76
CA ALA A 157 19.61 2.99 -38.93
C ALA A 157 19.97 4.46 -39.01
N MET A 158 19.43 5.18 -39.99
CA MET A 158 19.62 6.61 -40.09
C MET A 158 18.79 7.38 -39.08
N ARG A 159 17.81 6.74 -38.45
CA ARG A 159 16.98 7.36 -37.42
C ARG A 159 16.27 8.60 -37.96
N ASP A 160 15.82 8.51 -39.22
CA ASP A 160 15.23 9.63 -39.96
C ASP A 160 16.18 10.83 -40.02
N GLY A 161 17.49 10.58 -39.94
CA GLY A 161 18.47 11.63 -40.04
C GLY A 161 18.74 12.38 -38.75
N LYS A 162 17.70 12.59 -37.95
CA LYS A 162 17.78 13.43 -36.75
C LYS A 162 17.29 12.66 -35.53
N LEU A 163 17.80 11.44 -35.36
CA LEU A 163 17.59 10.65 -34.14
C LEU A 163 16.08 10.42 -33.90
N CYS A 164 15.47 9.68 -34.82
CA CYS A 164 14.05 9.41 -34.76
C CYS A 164 13.82 7.91 -34.97
N LEU A 165 13.50 7.22 -33.88
CA LEU A 165 13.15 5.79 -33.90
C LEU A 165 12.57 5.47 -32.53
N MET A 166 12.37 4.17 -32.25
CA MET A 166 11.90 3.75 -30.95
C MET A 166 12.39 2.33 -30.67
N TRP A 167 12.19 1.88 -29.44
CA TRP A 167 12.60 0.55 -29.02
C TRP A 167 11.43 -0.42 -29.03
N ARG A 168 11.73 -1.69 -29.27
CA ARG A 168 10.71 -2.73 -29.22
C ARG A 168 10.23 -2.93 -27.78
N VAL A 169 8.94 -3.19 -27.62
CA VAL A 169 8.36 -3.57 -26.34
C VAL A 169 7.38 -4.71 -26.57
N GLY A 170 7.50 -5.77 -25.78
CA GLY A 170 6.60 -6.90 -25.90
C GLY A 170 5.76 -7.09 -24.66
N ASN A 171 5.27 -5.99 -24.11
CA ASN A 171 4.54 -6.03 -22.85
C ASN A 171 3.25 -6.84 -22.99
N LEU A 172 3.04 -7.75 -22.04
CA LEU A 172 1.78 -8.48 -21.93
C LEU A 172 1.32 -8.52 -20.48
N ARG A 173 1.59 -7.46 -19.72
CA ARG A 173 1.26 -7.40 -18.29
C ARG A 173 -0.24 -7.23 -18.13
N LYS A 174 -1.00 -8.24 -18.56
CA LYS A 174 -2.46 -8.17 -18.63
C LYS A 174 -2.93 -7.03 -19.52
N SER A 175 -2.10 -6.61 -20.47
CA SER A 175 -2.37 -5.53 -21.40
C SER A 175 -2.67 -4.20 -20.71
N HIS A 176 -2.31 -4.08 -19.43
CA HIS A 176 -2.57 -2.87 -18.67
C HIS A 176 -1.40 -2.65 -17.71
N LEU A 177 -1.60 -1.75 -16.75
CA LEU A 177 -0.62 -1.48 -15.69
C LEU A 177 0.72 -1.03 -16.27
N VAL A 178 0.67 -0.19 -17.30
CA VAL A 178 1.88 0.26 -17.99
C VAL A 178 1.96 1.78 -17.92
N GLU A 179 3.02 2.28 -17.30
CA GLU A 179 3.39 3.70 -17.33
C GLU A 179 4.82 3.83 -16.84
N ALA A 180 5.73 4.29 -17.70
CA ALA A 180 7.16 4.24 -17.38
C ALA A 180 7.84 5.56 -17.71
N HIS A 181 9.14 5.62 -17.42
CA HIS A 181 9.98 6.74 -17.78
C HIS A 181 11.42 6.25 -17.89
N VAL A 182 12.32 7.15 -18.29
CA VAL A 182 13.70 6.75 -18.51
C VAL A 182 14.52 6.82 -17.23
N ARG A 183 14.52 7.97 -16.55
CA ARG A 183 15.41 8.23 -15.43
C ARG A 183 16.84 7.87 -15.81
N ALA A 184 17.34 6.74 -15.28
CA ALA A 184 18.62 6.15 -15.69
C ALA A 184 19.81 7.08 -15.47
N GLN A 185 20.99 6.61 -15.86
CA GLN A 185 22.23 7.36 -15.73
C GLN A 185 23.33 6.63 -16.49
N LEU A 186 24.14 7.39 -17.24
CA LEU A 186 25.29 6.85 -17.92
C LEU A 186 26.49 6.83 -16.98
N LEU A 187 27.59 6.19 -17.43
CA LEU A 187 28.75 6.00 -16.57
C LEU A 187 30.02 6.07 -17.40
N LYS A 188 31.00 6.84 -16.93
CA LYS A 188 32.33 6.91 -17.50
C LYS A 188 33.21 7.72 -16.56
N SER A 189 34.47 7.30 -16.46
CA SER A 189 35.42 7.92 -15.53
C SER A 189 35.92 9.23 -16.14
N ARG A 190 35.33 10.33 -15.70
CA ARG A 190 35.75 11.66 -16.14
C ARG A 190 36.77 12.22 -15.15
N ILE A 191 37.10 13.50 -15.29
CA ILE A 191 38.04 14.17 -14.41
C ILE A 191 37.41 15.46 -13.89
N THR A 192 37.88 15.91 -12.73
CA THR A 192 37.36 17.10 -12.09
C THR A 192 38.45 17.74 -11.25
N SER A 193 38.42 19.06 -11.15
CA SER A 193 39.44 19.82 -10.43
C SER A 193 39.45 19.48 -8.94
N GLU A 194 40.55 18.89 -8.48
CA GLU A 194 40.86 18.72 -7.06
C GLU A 194 39.96 17.69 -6.39
N GLY A 195 38.93 17.21 -7.09
CA GLY A 195 38.05 16.20 -6.55
C GLY A 195 38.54 14.80 -6.89
N GLU A 196 37.70 13.82 -6.58
CA GLU A 196 37.98 12.43 -6.94
C GLU A 196 37.62 12.14 -8.39
N TYR A 197 37.47 13.19 -9.20
CA TYR A 197 37.24 13.12 -10.64
C TYR A 197 35.82 12.63 -10.97
N ILE A 198 35.09 12.18 -9.95
CA ILE A 198 33.70 11.75 -10.08
C ILE A 198 33.57 10.79 -11.26
N PRO A 199 34.00 9.54 -11.12
CA PRO A 199 33.90 8.61 -12.25
C PRO A 199 32.45 8.31 -12.61
N LEU A 200 31.79 9.31 -13.20
CA LEU A 200 30.38 9.24 -13.54
C LEU A 200 30.09 10.32 -14.57
N ASP A 201 29.28 9.96 -15.58
CA ASP A 201 28.94 10.92 -16.62
C ASP A 201 28.11 12.07 -16.08
N GLN A 202 27.05 11.75 -15.33
CA GLN A 202 26.18 12.73 -14.68
C GLN A 202 25.33 13.47 -15.72
N ILE A 203 25.61 13.25 -17.00
CA ILE A 203 24.87 13.93 -18.06
C ILE A 203 23.47 13.34 -18.20
N ASP A 204 23.36 12.02 -18.12
CA ASP A 204 22.08 11.32 -18.23
C ASP A 204 21.37 11.67 -19.53
N ILE A 205 22.13 11.72 -20.63
CA ILE A 205 21.55 12.02 -21.93
C ILE A 205 20.92 10.76 -22.49
N ASN A 206 19.62 10.84 -22.81
CA ASN A 206 18.91 9.72 -23.41
C ASN A 206 18.88 9.83 -24.93
N VAL A 207 20.08 9.99 -25.51
CA VAL A 207 20.19 10.15 -26.95
C VAL A 207 19.96 8.82 -27.65
N GLY A 208 19.47 8.89 -28.89
CA GLY A 208 19.23 7.69 -29.66
C GLY A 208 17.89 7.69 -30.39
N PHE A 209 17.03 6.74 -30.06
CA PHE A 209 15.73 6.59 -30.71
C PHE A 209 14.76 7.63 -30.14
N ASP A 210 15.12 8.90 -30.36
CA ASP A 210 14.39 10.02 -29.78
C ASP A 210 13.11 10.26 -30.57
N SER A 211 11.96 9.89 -29.99
CA SER A 211 10.69 10.10 -30.67
C SER A 211 9.61 10.67 -29.76
N GLY A 212 9.88 10.89 -28.48
CA GLY A 212 8.98 11.64 -27.63
C GLY A 212 7.67 10.97 -27.24
N ILE A 213 7.75 9.92 -26.42
CA ILE A 213 6.56 9.36 -25.77
C ILE A 213 6.88 9.22 -24.29
N ASP A 214 8.17 9.15 -23.96
CA ASP A 214 8.58 8.84 -22.60
C ASP A 214 8.19 9.94 -21.63
N ARG A 215 8.73 11.14 -21.82
CA ARG A 215 8.41 12.25 -20.93
C ARG A 215 6.99 12.75 -21.11
N ILE A 216 6.40 12.55 -22.29
CA ILE A 216 5.01 12.91 -22.49
C ILE A 216 4.12 12.00 -21.66
N PHE A 217 3.10 12.59 -21.04
CA PHE A 217 2.19 11.86 -20.16
C PHE A 217 1.32 10.93 -21.01
N LEU A 218 1.89 9.79 -21.38
CA LEU A 218 1.23 8.81 -22.22
C LEU A 218 1.27 7.46 -21.53
N VAL A 219 0.28 6.61 -21.85
CA VAL A 219 0.12 5.34 -21.14
C VAL A 219 1.38 4.50 -21.23
N SER A 220 1.75 4.11 -22.45
CA SER A 220 2.89 3.21 -22.66
C SER A 220 4.01 3.96 -23.37
N PRO A 221 5.02 4.42 -22.64
CA PRO A 221 6.17 5.07 -23.29
C PRO A 221 7.04 4.06 -24.02
N ILE A 222 6.97 4.02 -25.34
CA ILE A 222 7.71 3.05 -26.13
C ILE A 222 9.01 3.68 -26.63
N THR A 223 8.99 4.98 -26.86
CA THR A 223 10.13 5.70 -27.39
C THR A 223 11.01 6.17 -26.23
N ILE A 224 11.95 7.06 -26.55
CA ILE A 224 12.78 7.70 -25.52
C ILE A 224 12.67 9.21 -25.73
N VAL A 225 13.00 9.95 -24.67
CA VAL A 225 12.94 11.41 -24.76
C VAL A 225 13.96 11.89 -25.79
N HIS A 226 13.76 13.12 -26.27
CA HIS A 226 14.57 13.67 -27.34
C HIS A 226 15.83 14.30 -26.77
N GLU A 227 16.98 13.85 -27.28
CA GLU A 227 18.28 14.44 -26.97
C GLU A 227 18.95 14.80 -28.30
N ILE A 228 19.02 16.09 -28.58
CA ILE A 228 19.57 16.58 -29.85
C ILE A 228 21.07 16.31 -29.89
N ASP A 229 21.68 16.50 -31.04
CA ASP A 229 23.10 16.24 -31.23
C ASP A 229 23.95 17.18 -30.39
N GLU A 230 25.28 17.04 -30.50
CA GLU A 230 26.32 17.67 -29.69
C GLU A 230 26.45 16.94 -28.35
N ASP A 231 25.62 15.93 -28.09
CA ASP A 231 25.81 15.05 -26.95
C ASP A 231 26.25 13.65 -27.35
N SER A 232 26.01 13.25 -28.59
CA SER A 232 26.40 11.98 -29.17
C SER A 232 27.47 12.19 -30.24
N PRO A 233 28.40 11.25 -30.41
CA PRO A 233 29.48 11.43 -31.38
C PRO A 233 29.05 11.26 -32.83
N LEU A 234 27.74 11.31 -33.08
CA LEU A 234 27.19 11.08 -34.41
C LEU A 234 27.00 12.37 -35.21
N TYR A 235 27.83 13.39 -34.95
CA TYR A 235 27.83 14.60 -35.77
C TYR A 235 28.03 14.20 -37.23
N ASP A 236 29.20 13.64 -37.53
CA ASP A 236 29.49 13.02 -38.81
C ASP A 236 30.07 11.65 -38.53
N LEU A 237 29.74 10.69 -39.40
CA LEU A 237 30.15 9.30 -39.27
C LEU A 237 29.46 8.64 -38.07
N SER A 238 28.74 7.55 -38.31
CA SER A 238 27.99 6.88 -37.27
C SER A 238 27.98 5.39 -37.58
N LYS A 239 27.05 4.67 -36.96
CA LYS A 239 26.91 3.22 -37.10
C LYS A 239 28.14 2.51 -36.56
N GLN A 240 29.08 2.15 -37.44
CA GLN A 240 30.15 1.24 -37.04
C GLN A 240 31.25 1.92 -36.23
N ASP A 241 31.49 3.21 -36.47
CA ASP A 241 32.54 3.90 -35.71
C ASP A 241 32.22 3.92 -34.22
N ILE A 242 30.94 4.06 -33.87
CA ILE A 242 30.53 3.98 -32.47
C ILE A 242 30.16 2.55 -32.06
N ASP A 243 29.83 1.69 -33.02
CA ASP A 243 29.54 0.30 -32.70
C ASP A 243 30.79 -0.43 -32.22
N ASN A 244 31.93 -0.16 -32.85
CA ASN A 244 33.17 -0.82 -32.47
C ASN A 244 33.71 -0.25 -31.16
N ALA A 245 33.63 1.07 -30.98
CA ALA A 245 34.14 1.73 -29.79
C ALA A 245 33.01 1.87 -28.79
N ASP A 246 32.97 0.98 -27.80
CA ASP A 246 31.90 1.00 -26.80
C ASP A 246 32.35 0.19 -25.59
N PHE A 247 31.91 0.63 -24.42
CA PHE A 247 32.20 -0.07 -23.17
C PHE A 247 30.94 -0.64 -22.52
N GLU A 248 29.96 0.20 -22.21
CA GLU A 248 28.72 -0.25 -21.58
C GLU A 248 27.60 0.73 -21.92
N ILE A 249 26.58 0.23 -22.61
CA ILE A 249 25.42 1.03 -22.99
C ILE A 249 24.19 0.36 -22.40
N VAL A 250 24.36 -0.20 -21.20
CA VAL A 250 23.27 -0.87 -20.48
C VAL A 250 22.05 0.03 -20.43
N VAL A 251 20.92 -0.46 -20.95
CA VAL A 251 19.70 0.33 -21.02
C VAL A 251 18.74 -0.13 -19.93
N ILE A 252 18.39 0.78 -19.03
CA ILE A 252 17.49 0.48 -17.93
C ILE A 252 16.36 1.50 -17.89
N LEU A 253 15.12 1.01 -17.89
CA LEU A 253 13.94 1.85 -17.74
C LEU A 253 13.57 1.92 -16.27
N GLU A 254 12.78 2.93 -15.90
CA GLU A 254 12.48 3.17 -14.51
C GLU A 254 11.02 3.57 -14.35
N GLY A 255 10.46 3.27 -13.18
CA GLY A 255 9.16 3.76 -12.77
C GLY A 255 7.94 3.24 -13.48
N MET A 256 7.61 1.97 -13.28
CA MET A 256 6.39 1.40 -13.87
C MET A 256 5.33 1.08 -12.83
N VAL A 257 5.71 0.37 -11.77
CA VAL A 257 4.73 -0.22 -10.86
C VAL A 257 4.35 0.83 -9.81
N GLU A 258 3.43 1.72 -10.18
CA GLU A 258 2.86 2.72 -9.27
C GLU A 258 3.91 3.56 -8.57
N ALA A 259 5.17 3.45 -8.98
CA ALA A 259 6.25 4.19 -8.33
C ALA A 259 7.56 4.01 -9.07
N THR A 260 8.45 4.99 -8.93
CA THR A 260 9.73 4.96 -9.61
C THR A 260 10.79 4.17 -8.85
N ALA A 261 10.45 3.65 -7.67
CA ALA A 261 11.46 3.07 -6.79
C ALA A 261 11.59 1.55 -6.95
N MET A 262 10.50 0.80 -6.79
CA MET A 262 10.58 -0.65 -6.97
C MET A 262 10.85 -0.98 -8.44
N THR A 263 10.09 -0.36 -9.35
CA THR A 263 10.26 -0.41 -10.81
C THR A 263 10.83 -1.72 -11.33
N THR A 264 11.74 -1.65 -12.29
CA THR A 264 12.53 -2.80 -12.70
C THR A 264 13.89 -2.33 -13.21
N GLN A 265 14.96 -2.93 -12.73
CA GLN A 265 16.30 -2.53 -13.11
C GLN A 265 17.06 -3.65 -13.81
N CYS A 266 16.41 -4.32 -14.77
CA CYS A 266 17.08 -5.34 -15.57
C CYS A 266 18.21 -4.69 -16.37
N HIS A 267 19.33 -5.39 -16.52
CA HIS A 267 20.49 -4.80 -17.17
C HIS A 267 20.19 -4.46 -18.62
N SER A 268 19.98 -5.47 -19.47
CA SER A 268 19.79 -5.25 -20.89
C SER A 268 20.93 -4.42 -21.45
N SER A 269 22.13 -5.00 -21.50
CA SER A 269 23.31 -4.23 -21.89
C SER A 269 23.14 -3.60 -23.27
N TYR A 270 22.83 -4.41 -24.27
CA TYR A 270 22.59 -3.94 -25.63
C TYR A 270 23.73 -3.03 -26.10
N LEU A 271 24.96 -3.44 -25.85
CA LEU A 271 26.11 -2.61 -26.17
C LEU A 271 26.22 -2.43 -27.68
N ALA A 272 26.93 -1.37 -28.07
CA ALA A 272 27.02 -0.99 -29.46
C ALA A 272 27.64 -2.10 -30.32
N ASN A 273 28.35 -3.03 -29.71
CA ASN A 273 28.85 -4.19 -30.46
C ASN A 273 27.69 -5.02 -31.00
N GLU A 274 26.63 -5.18 -30.20
CA GLU A 274 25.44 -5.92 -30.63
C GLU A 274 24.35 -4.97 -31.13
N ILE A 275 24.74 -3.85 -31.74
CA ILE A 275 23.81 -2.96 -32.42
C ILE A 275 24.25 -2.91 -33.88
N LEU A 276 24.72 -4.04 -34.39
CA LEU A 276 25.36 -4.12 -35.70
C LEU A 276 24.31 -4.16 -36.81
N TRP A 277 24.17 -3.03 -37.51
CA TRP A 277 23.55 -2.93 -38.83
C TRP A 277 22.09 -3.38 -38.88
N GLY A 278 21.44 -3.59 -37.74
CA GLY A 278 20.01 -3.86 -37.81
C GLY A 278 19.68 -5.31 -38.06
N HIS A 279 19.51 -5.66 -39.34
CA HIS A 279 19.31 -7.03 -39.82
C HIS A 279 18.12 -7.72 -39.15
N ARG A 280 17.00 -6.99 -39.03
CA ARG A 280 15.72 -7.58 -38.64
C ARG A 280 14.63 -6.89 -39.49
N TYR A 281 14.42 -7.40 -40.70
CA TYR A 281 13.51 -6.74 -41.63
C TYR A 281 12.07 -6.83 -41.14
N GLU A 282 11.44 -7.98 -41.34
CA GLU A 282 10.20 -8.40 -40.71
C GLU A 282 9.93 -9.84 -41.15
N PRO A 283 9.77 -10.78 -40.21
CA PRO A 283 9.25 -12.10 -40.60
C PRO A 283 7.74 -12.15 -40.73
N VAL A 284 7.03 -11.03 -40.52
CA VAL A 284 5.59 -11.01 -40.70
C VAL A 284 5.25 -11.13 -42.19
N LEU A 285 4.13 -11.77 -42.48
CA LEU A 285 3.66 -11.90 -43.85
C LEU A 285 2.86 -10.70 -44.33
N PHE A 286 2.39 -9.84 -43.42
CA PHE A 286 1.62 -8.66 -43.77
C PHE A 286 2.34 -7.36 -43.46
N GLU A 287 3.02 -7.28 -42.31
CA GLU A 287 3.88 -6.18 -41.89
C GLU A 287 3.10 -4.92 -41.47
N GLU A 288 1.78 -4.87 -41.70
CA GLU A 288 1.06 -3.69 -41.22
C GLU A 288 -0.34 -3.94 -40.63
N LYS A 289 -1.07 -4.99 -41.01
CA LYS A 289 -2.50 -5.01 -40.68
C LYS A 289 -2.87 -5.55 -39.29
N HIS A 290 -2.81 -6.86 -39.10
CA HIS A 290 -3.42 -7.48 -37.93
C HIS A 290 -3.05 -8.97 -37.90
N TYR A 291 -2.51 -9.48 -36.79
CA TYR A 291 -1.84 -10.77 -36.89
C TYR A 291 -2.45 -11.89 -36.06
N TYR A 292 -2.47 -11.82 -34.72
CA TYR A 292 -2.56 -13.06 -33.96
C TYR A 292 -3.90 -13.30 -33.28
N LYS A 293 -4.39 -12.39 -32.45
CA LYS A 293 -5.50 -12.63 -31.54
C LYS A 293 -5.22 -13.74 -30.52
N VAL A 294 -4.00 -14.29 -30.51
CA VAL A 294 -3.66 -15.38 -29.61
C VAL A 294 -2.44 -15.06 -28.74
N ASP A 295 -1.27 -14.82 -29.33
CA ASP A 295 -0.05 -14.68 -28.55
C ASP A 295 1.10 -14.27 -29.46
N TYR A 296 2.22 -13.88 -28.84
CA TYR A 296 3.43 -13.54 -29.55
C TYR A 296 4.14 -14.81 -30.05
N SER A 297 4.99 -14.64 -31.07
CA SER A 297 5.71 -15.78 -31.63
C SER A 297 7.23 -15.61 -31.57
N ARG A 298 7.78 -14.53 -32.12
CA ARG A 298 9.22 -14.41 -32.37
C ARG A 298 9.89 -13.30 -31.57
N PHE A 299 9.16 -12.64 -30.68
CA PHE A 299 9.72 -11.65 -29.76
C PHE A 299 10.18 -10.37 -30.45
N HIS A 300 11.46 -10.30 -30.83
CA HIS A 300 12.14 -9.03 -30.99
C HIS A 300 12.35 -8.55 -32.42
N LYS A 301 12.37 -9.46 -33.40
CA LYS A 301 12.88 -9.12 -34.73
C LYS A 301 12.15 -7.92 -35.33
N THR A 302 12.86 -6.80 -35.46
CA THR A 302 12.27 -5.55 -35.93
C THR A 302 13.40 -4.58 -36.31
N TYR A 303 13.16 -3.74 -37.32
CA TYR A 303 13.98 -2.58 -37.65
C TYR A 303 15.35 -2.91 -38.25
N GLU A 304 15.36 -3.65 -39.36
CA GLU A 304 16.60 -3.87 -40.10
C GLU A 304 17.18 -2.56 -40.60
N VAL A 305 18.46 -2.59 -40.96
CA VAL A 305 19.09 -1.54 -41.75
C VAL A 305 20.37 -2.09 -42.38
N PRO A 306 20.28 -3.05 -43.31
CA PRO A 306 21.48 -3.47 -44.04
C PRO A 306 21.74 -2.59 -45.25
N ASN A 307 21.61 -1.27 -45.06
CA ASN A 307 21.78 -0.31 -46.14
C ASN A 307 22.83 0.74 -45.81
N THR A 308 22.88 1.20 -44.57
CA THR A 308 23.90 2.15 -44.16
C THR A 308 25.24 1.44 -44.00
N PRO A 309 26.27 1.83 -44.75
CA PRO A 309 27.56 1.13 -44.67
C PRO A 309 28.34 1.45 -43.40
N LEU A 310 29.60 1.02 -43.37
CA LEU A 310 30.47 1.33 -42.24
C LEU A 310 30.47 2.83 -41.93
N CYS A 311 30.49 3.66 -42.97
CA CYS A 311 30.43 5.11 -42.81
C CYS A 311 28.99 5.58 -42.95
N SER A 312 28.53 6.39 -42.01
CA SER A 312 27.14 6.86 -42.03
C SER A 312 27.08 8.20 -41.32
N ALA A 313 27.00 9.28 -42.08
CA ALA A 313 26.82 10.60 -41.50
C ALA A 313 25.37 10.79 -41.07
N ARG A 314 25.18 11.47 -39.93
CA ARG A 314 23.86 11.69 -39.38
C ARG A 314 23.42 13.15 -39.48
N ASP A 315 24.21 14.07 -38.95
CA ASP A 315 23.84 15.48 -38.91
C ASP A 315 24.74 16.36 -39.75
N LEU A 316 26.07 16.19 -39.66
CA LEU A 316 26.97 17.02 -40.44
C LEU A 316 26.80 16.77 -41.94
N ALA A 317 26.64 15.51 -42.33
CA ALA A 317 26.47 15.12 -43.73
C ALA A 317 27.61 15.64 -44.60
N ARG B 1 15.31 24.15 20.16
CA ARG B 1 16.00 23.41 19.11
C ARG B 1 15.82 21.91 19.30
N PHE B 2 14.73 21.38 18.77
CA PHE B 2 14.41 19.95 18.88
C PHE B 2 13.67 19.51 17.63
N VAL B 3 13.07 18.32 17.69
CA VAL B 3 12.26 17.80 16.60
C VAL B 3 10.86 17.42 17.07
N LYS B 4 10.75 16.76 18.23
CA LYS B 4 9.47 16.33 18.74
C LYS B 4 8.67 17.45 19.37
N LYS B 5 9.35 18.44 19.96
CA LYS B 5 8.73 19.44 20.81
C LYS B 5 8.95 20.86 20.28
N ASP B 6 8.85 21.04 18.97
CA ASP B 6 9.02 22.34 18.36
C ASP B 6 7.68 22.81 17.77
N GLY B 7 7.71 24.01 17.18
CA GLY B 7 6.50 24.63 16.67
C GLY B 7 5.75 25.36 17.78
N HIS B 8 6.47 26.21 18.51
CA HIS B 8 5.97 26.85 19.72
C HIS B 8 5.17 28.09 19.34
N CYS B 9 3.86 28.05 19.62
CA CYS B 9 2.95 29.09 19.13
C CYS B 9 1.87 29.55 20.11
N ASN B 10 1.62 28.88 21.23
CA ASN B 10 0.36 29.07 21.93
C ASN B 10 0.49 28.90 23.45
N VAL B 11 0.28 29.99 24.20
CA VAL B 11 -0.09 29.95 25.60
C VAL B 11 -1.10 31.04 25.88
N GLN B 12 -1.65 31.03 27.10
CA GLN B 12 -2.43 32.15 27.62
C GLN B 12 -1.81 32.74 28.88
N PHE B 13 -1.57 31.91 29.90
CA PHE B 13 -0.79 32.32 31.07
C PHE B 13 0.07 31.17 31.60
N ILE B 14 0.12 30.06 30.87
CA ILE B 14 0.83 28.86 31.32
C ILE B 14 2.32 28.97 31.06
N ASN B 15 2.70 29.46 29.88
CA ASN B 15 4.11 29.58 29.49
C ASN B 15 4.84 28.25 29.59
N ALA B 25 -13.82 1.97 26.06
CA ALA B 25 -12.59 2.75 26.06
C ALA B 25 -11.86 2.62 24.73
N ASP B 26 -11.22 3.72 24.32
CA ASP B 26 -10.49 3.78 23.05
C ASP B 26 -9.00 3.93 23.34
N ILE B 27 -8.22 2.92 22.96
CA ILE B 27 -6.77 3.00 23.12
C ILE B 27 -6.14 3.08 21.74
N PHE B 28 -6.28 2.00 20.95
CA PHE B 28 -5.99 1.95 19.52
C PHE B 28 -4.85 2.86 19.06
N THR B 29 -5.19 3.80 18.20
CA THR B 29 -4.33 4.88 17.71
C THR B 29 -2.99 4.29 17.24
N THR B 30 -1.92 5.06 17.36
CA THR B 30 -0.59 4.55 17.06
C THR B 30 0.00 3.80 18.24
N CYS B 31 -0.58 3.94 19.44
CA CYS B 31 -0.01 3.29 20.61
C CYS B 31 -0.19 1.77 20.58
N VAL B 32 -1.01 1.25 19.68
CA VAL B 32 -1.06 -0.20 19.47
C VAL B 32 0.07 -0.58 18.49
N ASP B 33 1.24 -0.90 19.05
CA ASP B 33 2.40 -1.27 18.24
C ASP B 33 3.25 -2.24 19.05
N ILE B 34 4.48 -2.47 18.61
CA ILE B 34 5.40 -3.39 19.27
C ILE B 34 6.75 -2.71 19.42
N ARG B 35 7.49 -3.09 20.46
CA ARG B 35 8.82 -2.55 20.72
C ARG B 35 9.83 -3.68 20.89
N TRP B 36 9.84 -4.61 19.93
CA TRP B 36 10.71 -5.79 19.95
C TRP B 36 10.39 -6.65 21.17
N ARG B 37 11.17 -6.52 22.23
CA ARG B 37 10.92 -7.27 23.46
C ARG B 37 10.02 -6.48 24.41
N TRP B 38 8.93 -5.94 23.87
CA TRP B 38 7.99 -5.13 24.63
C TRP B 38 6.67 -5.08 23.88
N MET B 39 5.66 -4.52 24.54
CA MET B 39 4.34 -4.22 24.01
C MET B 39 3.49 -5.45 23.71
N LEU B 40 4.01 -6.66 23.88
CA LEU B 40 3.17 -7.85 23.90
C LEU B 40 2.59 -8.10 25.29
N VAL B 41 3.13 -7.41 26.30
CA VAL B 41 2.62 -7.56 27.66
C VAL B 41 1.18 -7.05 27.75
N ILE B 42 0.87 -5.96 27.04
CA ILE B 42 -0.51 -5.46 27.05
C ILE B 42 -1.46 -6.48 26.45
N PHE B 43 -1.04 -7.14 25.36
CA PHE B 43 -1.88 -8.17 24.76
C PHE B 43 -2.07 -9.33 25.71
N CYS B 44 -0.99 -9.79 26.35
CA CYS B 44 -1.11 -10.95 27.23
C CYS B 44 -1.94 -10.61 28.46
N LEU B 45 -1.85 -9.37 28.96
CA LEU B 45 -2.66 -9.02 30.13
C LEU B 45 -4.13 -8.88 29.76
N ALA B 46 -4.43 -8.34 28.57
CA ALA B 46 -5.81 -8.35 28.10
C ALA B 46 -6.33 -9.78 28.01
N PHE B 47 -5.49 -10.67 27.48
CA PHE B 47 -5.85 -12.09 27.41
C PHE B 47 -6.19 -12.64 28.78
N VAL B 48 -5.29 -12.45 29.75
CA VAL B 48 -5.49 -13.08 31.06
C VAL B 48 -6.67 -12.46 31.78
N LEU B 49 -6.92 -11.16 31.62
CA LEU B 49 -8.09 -10.56 32.24
C LEU B 49 -9.38 -11.12 31.65
N SER B 50 -9.43 -11.28 30.32
CA SER B 50 -10.60 -11.93 29.72
C SER B 50 -10.78 -13.34 30.24
N TRP B 51 -9.67 -14.08 30.35
CA TRP B 51 -9.73 -15.47 30.79
C TRP B 51 -10.22 -15.57 32.22
N LEU B 52 -9.74 -14.67 33.10
CA LEU B 52 -10.17 -14.67 34.48
C LEU B 52 -11.63 -14.24 34.61
N PHE B 53 -12.08 -13.30 33.77
CA PHE B 53 -13.49 -12.95 33.77
C PHE B 53 -14.36 -14.15 33.43
N PHE B 54 -13.99 -14.87 32.37
CA PHE B 54 -14.74 -16.06 32.01
C PHE B 54 -14.71 -17.09 33.14
N GLY B 55 -13.55 -17.27 33.76
CA GLY B 55 -13.43 -18.25 34.84
C GLY B 55 -14.26 -17.91 36.06
N CYS B 56 -14.28 -16.63 36.45
CA CYS B 56 -15.06 -16.25 37.62
C CYS B 56 -16.56 -16.34 37.33
N VAL B 57 -16.98 -15.97 36.12
CA VAL B 57 -18.38 -16.20 35.75
C VAL B 57 -18.71 -17.69 35.83
N PHE B 58 -17.80 -18.53 35.35
CA PHE B 58 -18.03 -19.97 35.37
C PHE B 58 -18.14 -20.48 36.80
N TRP B 59 -17.27 -20.01 37.71
CA TRP B 59 -17.35 -20.46 39.09
C TRP B 59 -18.65 -20.02 39.75
N LEU B 60 -19.04 -18.76 39.56
CA LEU B 60 -20.26 -18.28 40.18
C LEU B 60 -21.47 -19.06 39.67
N ILE B 61 -21.54 -19.29 38.35
CA ILE B 61 -22.66 -20.02 37.81
C ILE B 61 -22.63 -21.48 38.26
N ALA B 62 -21.43 -22.08 38.37
CA ALA B 62 -21.35 -23.43 38.90
C ALA B 62 -21.85 -23.50 40.33
N LEU B 63 -21.66 -22.41 41.08
CA LEU B 63 -22.29 -22.31 42.39
C LEU B 63 -23.81 -22.19 42.27
N LEU B 64 -24.30 -21.61 41.18
CA LEU B 64 -25.74 -21.39 41.02
C LEU B 64 -26.33 -22.10 39.80
N HIS B 65 -25.66 -23.12 39.26
CA HIS B 65 -26.17 -23.80 38.08
C HIS B 65 -27.30 -24.76 38.45
N GLY B 66 -27.98 -25.27 37.42
CA GLY B 66 -29.04 -26.23 37.65
C GLY B 66 -28.56 -27.50 38.31
N ASP B 67 -27.41 -28.02 37.85
CA ASP B 67 -26.77 -29.16 38.51
C ASP B 67 -26.00 -28.75 39.75
N LEU B 68 -25.87 -27.45 40.01
CA LEU B 68 -25.26 -26.92 41.23
C LEU B 68 -23.80 -27.33 41.33
N ASP B 69 -23.17 -27.05 42.47
CA ASP B 69 -21.77 -27.38 42.69
C ASP B 69 -21.62 -28.88 42.89
N ALA B 70 -20.62 -29.47 42.20
CA ALA B 70 -20.26 -30.87 42.35
C ALA B 70 -21.41 -31.82 41.98
N SER B 71 -22.32 -31.36 41.12
CA SER B 71 -23.38 -32.18 40.56
C SER B 71 -24.25 -32.81 41.66
N LYS B 72 -24.92 -31.92 42.40
CA LYS B 72 -25.82 -32.37 43.46
C LYS B 72 -27.08 -33.01 42.91
N GLU B 73 -27.38 -32.83 41.61
CA GLU B 73 -28.59 -33.37 41.02
C GLU B 73 -28.38 -34.70 40.31
N GLY B 74 -27.13 -35.08 40.02
CA GLY B 74 -26.87 -36.27 39.25
C GLY B 74 -27.09 -36.05 37.78
N LYS B 75 -26.27 -36.66 36.93
CA LYS B 75 -26.29 -36.42 35.49
C LYS B 75 -26.13 -34.92 35.21
N ALA B 76 -24.94 -34.43 35.58
CA ALA B 76 -24.68 -33.00 35.62
C ALA B 76 -24.90 -32.34 34.27
N CYS B 77 -25.47 -31.14 34.30
CA CYS B 77 -25.58 -30.33 33.08
C CYS B 77 -24.20 -29.95 32.55
N VAL B 78 -23.20 -29.95 33.44
CA VAL B 78 -21.82 -29.63 33.08
C VAL B 78 -20.92 -30.13 34.20
N SER B 79 -19.75 -30.62 33.84
CA SER B 79 -18.78 -31.09 34.83
C SER B 79 -18.32 -29.90 35.67
N GLU B 80 -18.78 -29.85 36.91
CA GLU B 80 -18.48 -28.72 37.77
C GLU B 80 -17.00 -28.69 38.13
N VAL B 81 -16.46 -27.47 38.26
CA VAL B 81 -15.04 -27.32 38.55
C VAL B 81 -14.77 -27.61 40.03
N ASN B 82 -13.51 -27.94 40.31
CA ASN B 82 -13.11 -28.22 41.68
C ASN B 82 -13.26 -26.97 42.56
N SER B 83 -12.84 -25.82 42.06
CA SER B 83 -12.85 -24.60 42.84
C SER B 83 -12.82 -23.40 41.90
N PHE B 84 -12.56 -22.22 42.46
CA PHE B 84 -12.50 -20.99 41.69
C PHE B 84 -11.33 -21.02 40.71
N THR B 85 -10.16 -21.48 41.17
CA THR B 85 -9.02 -21.66 40.28
C THR B 85 -9.32 -22.71 39.22
N ALA B 86 -10.03 -23.78 39.61
CA ALA B 86 -10.43 -24.78 38.63
C ALA B 86 -11.36 -24.18 37.59
N ALA B 87 -12.19 -23.21 37.98
CA ALA B 87 -13.03 -22.53 37.01
C ALA B 87 -12.20 -21.65 36.08
N PHE B 88 -11.18 -20.98 36.62
CA PHE B 88 -10.23 -20.26 35.77
C PHE B 88 -9.64 -21.18 34.71
N LEU B 89 -9.16 -22.35 35.14
CA LEU B 89 -8.57 -23.31 34.21
C LEU B 89 -9.61 -23.84 33.23
N PHE B 90 -10.85 -24.02 33.68
CA PHE B 90 -11.93 -24.42 32.80
C PHE B 90 -12.11 -23.40 31.68
N SER B 91 -12.15 -22.12 32.05
CA SER B 91 -12.30 -21.06 31.06
C SER B 91 -11.15 -21.10 30.06
N ILE B 92 -9.92 -21.14 30.57
CA ILE B 92 -8.75 -21.13 29.68
C ILE B 92 -8.78 -22.35 28.75
N GLU B 93 -9.06 -23.52 29.31
CA GLU B 93 -9.19 -24.73 28.53
C GLU B 93 -10.18 -24.56 27.38
N THR B 94 -11.39 -24.08 27.70
CA THR B 94 -12.42 -23.98 26.68
C THR B 94 -12.04 -22.99 25.59
N GLN B 95 -11.65 -21.78 25.97
CA GLN B 95 -11.43 -20.73 24.98
C GLN B 95 -10.20 -20.99 24.12
N THR B 96 -9.13 -21.52 24.73
CA THR B 96 -7.90 -21.79 24.00
C THR B 96 -8.02 -22.96 23.04
N THR B 97 -9.23 -23.50 22.88
CA THR B 97 -9.51 -24.56 21.91
C THR B 97 -8.62 -25.78 22.17
N ILE B 98 -8.64 -26.24 23.40
CA ILE B 98 -7.93 -27.44 23.81
C ILE B 98 -8.90 -28.61 24.05
N GLY B 99 -9.88 -28.42 24.94
CA GLY B 99 -11.04 -29.28 24.98
C GLY B 99 -10.82 -30.72 25.42
N TYR B 100 -10.53 -30.93 26.70
CA TYR B 100 -10.39 -32.29 27.22
C TYR B 100 -11.73 -33.00 27.23
N GLY B 101 -12.70 -32.48 27.97
CA GLY B 101 -14.02 -33.08 28.02
C GLY B 101 -14.35 -33.68 29.37
N PHE B 102 -13.37 -34.31 30.02
CA PHE B 102 -13.63 -34.92 31.31
C PHE B 102 -14.03 -33.89 32.35
N ARG B 103 -13.37 -32.73 32.35
CA ARG B 103 -13.75 -31.63 33.21
C ARG B 103 -14.67 -30.64 32.52
N CYS B 104 -14.93 -30.82 31.22
CA CYS B 104 -15.69 -29.84 30.46
C CYS B 104 -17.18 -30.15 30.43
N VAL B 105 -17.90 -29.49 29.53
CA VAL B 105 -19.35 -29.58 29.52
C VAL B 105 -19.81 -31.02 29.32
N THR B 106 -21.00 -31.33 29.84
CA THR B 106 -21.61 -32.64 29.72
C THR B 106 -22.89 -32.52 28.92
N ASP B 107 -23.74 -33.56 28.97
CA ASP B 107 -25.02 -33.57 28.27
C ASP B 107 -25.72 -32.22 28.37
N GLU B 108 -26.30 -31.78 27.25
CA GLU B 108 -26.77 -30.42 27.11
C GLU B 108 -27.84 -30.09 28.15
N CYS B 109 -27.83 -28.83 28.60
CA CYS B 109 -28.74 -28.31 29.61
C CYS B 109 -29.09 -26.89 29.21
N PRO B 110 -30.37 -26.47 29.32
CA PRO B 110 -30.79 -25.17 28.78
C PRO B 110 -29.88 -24.00 29.13
N ILE B 111 -29.70 -23.76 30.43
CA ILE B 111 -28.78 -22.71 30.86
C ILE B 111 -27.35 -23.04 30.43
N ALA B 112 -26.97 -24.31 30.51
CA ALA B 112 -25.65 -24.72 30.05
C ALA B 112 -25.52 -24.49 28.54
N VAL B 113 -26.57 -24.78 27.78
CA VAL B 113 -26.54 -24.51 26.34
C VAL B 113 -26.32 -23.02 26.08
N PHE B 114 -27.09 -22.18 26.77
CA PHE B 114 -26.93 -20.74 26.57
C PHE B 114 -25.50 -20.30 26.88
N MET B 115 -24.98 -20.69 28.04
CA MET B 115 -23.65 -20.22 28.41
C MET B 115 -22.61 -20.72 27.44
N VAL B 116 -22.71 -21.99 27.01
CA VAL B 116 -21.67 -22.53 26.15
C VAL B 116 -21.72 -21.90 24.77
N VAL B 117 -22.91 -21.54 24.28
CA VAL B 117 -22.93 -20.87 22.98
C VAL B 117 -22.36 -19.46 23.10
N PHE B 118 -22.65 -18.75 24.21
CA PHE B 118 -21.97 -17.47 24.37
C PHE B 118 -20.46 -17.64 24.54
N GLN B 119 -20.03 -18.75 25.13
CA GLN B 119 -18.60 -19.00 25.25
C GLN B 119 -17.96 -19.26 23.90
N SER B 120 -18.66 -19.97 23.02
CA SER B 120 -18.18 -20.12 21.65
C SER B 120 -18.07 -18.77 20.97
N ILE B 121 -19.05 -17.89 21.21
CA ILE B 121 -19.00 -16.54 20.65
C ILE B 121 -17.77 -15.80 21.17
N VAL B 122 -17.57 -15.80 22.49
CA VAL B 122 -16.44 -15.07 23.04
C VAL B 122 -15.13 -15.66 22.55
N GLY B 123 -15.09 -16.98 22.33
CA GLY B 123 -13.90 -17.58 21.78
C GLY B 123 -13.60 -17.12 20.36
N CYS B 124 -14.61 -17.11 19.49
CA CYS B 124 -14.34 -16.72 18.11
C CYS B 124 -13.96 -15.24 18.02
N ILE B 125 -14.67 -14.37 18.74
CA ILE B 125 -14.25 -12.96 18.70
C ILE B 125 -12.93 -12.73 19.43
N ILE B 126 -12.58 -13.53 20.43
CA ILE B 126 -11.26 -13.33 21.01
C ILE B 126 -10.19 -13.76 20.03
N ASP B 127 -10.41 -14.86 19.31
CA ASP B 127 -9.49 -15.22 18.23
C ASP B 127 -9.38 -14.09 17.22
N ALA B 128 -10.50 -13.41 16.98
CA ALA B 128 -10.44 -12.19 16.16
C ALA B 128 -9.54 -11.15 16.80
N PHE B 129 -9.60 -11.03 18.13
CA PHE B 129 -8.73 -10.06 18.79
C PHE B 129 -7.26 -10.40 18.55
N ILE B 130 -6.92 -11.68 18.62
CA ILE B 130 -5.55 -12.08 18.31
C ILE B 130 -5.22 -11.79 16.85
N ILE B 131 -6.12 -12.13 15.93
CA ILE B 131 -5.84 -11.88 14.53
C ILE B 131 -5.66 -10.39 14.30
N GLY B 132 -6.20 -9.57 15.19
CA GLY B 132 -5.91 -8.15 15.17
C GLY B 132 -4.49 -7.87 15.62
N ALA B 133 -3.63 -8.87 15.54
CA ALA B 133 -2.22 -8.67 15.84
C ALA B 133 -1.63 -7.61 14.92
N VAL B 134 -0.69 -6.85 15.44
CA VAL B 134 0.00 -5.83 14.67
C VAL B 134 0.85 -6.50 13.60
N MET B 135 1.10 -5.79 12.50
CA MET B 135 1.95 -6.28 11.43
C MET B 135 3.15 -5.37 11.26
N ALA B 136 3.91 -5.13 12.32
CA ALA B 136 5.07 -4.26 12.23
C ALA B 136 6.16 -5.01 11.45
N LYS B 137 6.06 -4.91 10.12
CA LYS B 137 6.74 -5.79 9.17
C LYS B 137 7.36 -4.96 8.06
N MET B 138 7.62 -5.60 6.91
CA MET B 138 8.18 -4.95 5.73
C MET B 138 7.63 -3.56 5.50
N ALA B 139 6.32 -3.38 5.73
CA ALA B 139 5.71 -2.07 5.53
C ALA B 139 6.08 -1.10 6.65
N LYS B 140 6.13 -1.57 7.89
CA LYS B 140 6.37 -0.73 9.06
C LYS B 140 7.49 -1.32 9.90
N PRO B 141 8.74 -1.14 9.48
CA PRO B 141 9.88 -1.68 10.23
C PRO B 141 10.40 -0.68 11.25
N LYS B 142 11.11 -1.21 12.24
CA LYS B 142 11.78 -0.37 13.24
C LYS B 142 13.20 -0.02 12.83
N LYS B 143 13.81 -0.80 11.94
CA LYS B 143 15.14 -0.53 11.44
C LYS B 143 14.99 0.11 10.05
N ARG B 144 15.14 1.42 10.01
CA ARG B 144 14.97 2.19 8.78
C ARG B 144 16.10 1.89 7.79
N ASN B 145 15.74 1.85 6.51
CA ASN B 145 16.72 1.68 5.44
C ASN B 145 17.47 3.00 5.23
N GLU B 146 18.32 3.32 6.19
CA GLU B 146 19.08 4.56 6.21
C GLU B 146 20.57 4.28 6.26
N THR B 147 21.03 3.35 5.42
CA THR B 147 22.42 2.95 5.37
C THR B 147 23.30 3.99 4.70
N LEU B 148 22.74 5.15 4.34
CA LEU B 148 23.48 6.22 3.70
C LEU B 148 24.20 7.03 4.76
N VAL B 149 25.52 6.90 4.82
CA VAL B 149 26.34 7.79 5.62
C VAL B 149 26.39 9.13 4.90
N PHE B 150 25.92 10.18 5.56
CA PHE B 150 25.79 11.48 4.89
C PHE B 150 27.13 12.21 4.87
N SER B 151 27.62 12.63 6.03
CA SER B 151 28.90 13.29 6.15
C SER B 151 29.21 13.48 7.62
N HIS B 152 30.29 14.22 7.88
CA HIS B 152 30.77 14.60 9.21
C HIS B 152 31.22 16.04 9.11
N ASN B 153 32.14 16.48 9.97
CA ASN B 153 32.67 17.83 9.91
C ASN B 153 32.91 18.23 8.45
N ALA B 154 32.17 19.24 7.99
CA ALA B 154 31.93 19.43 6.57
C ALA B 154 33.03 20.28 5.95
N VAL B 155 32.84 20.63 4.67
CA VAL B 155 33.86 21.29 3.86
C VAL B 155 33.22 22.45 3.13
N ILE B 156 34.06 23.39 2.67
CA ILE B 156 33.56 24.53 1.89
C ILE B 156 34.30 24.61 0.57
N ALA B 157 35.62 24.80 0.62
CA ALA B 157 36.46 24.99 -0.56
C ALA B 157 36.04 26.20 -1.38
N MET B 158 36.70 26.43 -2.51
CA MET B 158 36.29 27.50 -3.40
C MET B 158 35.05 27.15 -4.22
N ARG B 159 34.65 25.88 -4.23
CA ARG B 159 33.44 25.43 -4.93
C ARG B 159 33.50 25.78 -6.41
N ASP B 160 34.70 25.64 -7.00
CA ASP B 160 34.97 26.06 -8.36
C ASP B 160 34.65 27.53 -8.60
N GLY B 161 34.70 28.35 -7.54
CA GLY B 161 34.46 29.77 -7.66
C GLY B 161 33.00 30.16 -7.64
N LYS B 162 32.14 29.35 -8.24
CA LYS B 162 30.73 29.69 -8.44
C LYS B 162 29.84 28.59 -7.87
N LEU B 163 30.11 28.16 -6.64
CA LEU B 163 29.24 27.26 -5.89
C LEU B 163 29.04 25.94 -6.64
N CYS B 164 30.16 25.21 -6.79
CA CYS B 164 30.16 23.95 -7.53
C CYS B 164 30.86 22.88 -6.69
N LEU B 165 30.09 21.99 -6.11
CA LEU B 165 30.58 20.84 -5.34
C LEU B 165 29.38 19.91 -5.11
N MET B 166 29.57 18.90 -4.27
CA MET B 166 28.49 17.99 -3.91
C MET B 166 28.74 17.43 -2.52
N TRP B 167 27.73 16.74 -1.98
CA TRP B 167 27.83 16.14 -0.67
C TRP B 167 28.13 14.65 -0.77
N ARG B 168 28.81 14.12 0.24
CA ARG B 168 29.09 12.70 0.32
C ARG B 168 27.79 11.92 0.55
N VAL B 169 27.70 10.75 -0.08
CA VAL B 169 26.62 9.81 0.17
C VAL B 169 27.20 8.41 0.25
N GLY B 170 26.83 7.67 1.30
CA GLY B 170 27.30 6.31 1.46
C GLY B 170 26.19 5.30 1.39
N ASN B 171 25.26 5.51 0.45
CA ASN B 171 24.08 4.67 0.35
C ASN B 171 24.45 3.23 0.04
N LEU B 172 23.87 2.30 0.81
CA LEU B 172 23.98 0.88 0.52
C LEU B 172 22.62 0.19 0.65
N ARG B 173 21.55 0.91 0.30
CA ARG B 173 20.18 0.40 0.45
C ARG B 173 19.93 -0.65 -0.61
N LYS B 174 20.66 -1.76 -0.53
CA LYS B 174 20.66 -2.81 -1.56
C LYS B 174 21.07 -2.26 -2.92
N SER B 175 21.84 -1.17 -2.93
CA SER B 175 22.34 -0.51 -4.13
C SER B 175 21.21 -0.05 -5.06
N HIS B 176 19.98 0.02 -4.54
CA HIS B 176 18.83 0.43 -5.34
C HIS B 176 17.90 1.25 -4.46
N LEU B 177 16.67 1.46 -4.95
CA LEU B 177 15.62 2.15 -4.19
C LEU B 177 16.06 3.55 -3.79
N VAL B 178 16.73 4.26 -4.69
CA VAL B 178 17.26 5.59 -4.42
C VAL B 178 16.65 6.59 -5.40
N GLU B 179 15.94 7.58 -4.88
CA GLU B 179 15.48 8.74 -5.62
C GLU B 179 15.02 9.81 -4.65
N ALA B 180 15.69 10.95 -4.60
CA ALA B 180 15.46 11.92 -3.54
C ALA B 180 15.33 13.34 -4.11
N HIS B 181 15.07 14.28 -3.21
CA HIS B 181 15.05 15.70 -3.54
C HIS B 181 15.37 16.50 -2.28
N VAL B 182 15.45 17.82 -2.43
CA VAL B 182 15.85 18.66 -1.31
C VAL B 182 14.64 19.05 -0.45
N ARG B 183 13.62 19.64 -1.07
CA ARG B 183 12.50 20.22 -0.34
C ARG B 183 13.02 21.16 0.74
N ALA B 184 12.94 20.72 2.01
CA ALA B 184 13.57 21.39 3.14
C ALA B 184 13.07 22.82 3.35
N GLN B 185 13.65 23.51 4.33
CA GLN B 185 13.30 24.87 4.67
C GLN B 185 14.30 25.41 5.68
N LEU B 186 14.75 26.65 5.47
CA LEU B 186 15.63 27.32 6.42
C LEU B 186 14.80 28.01 7.49
N LEU B 187 15.47 28.53 8.52
CA LEU B 187 14.77 29.10 9.67
C LEU B 187 15.56 30.27 10.22
N LYS B 188 14.88 31.39 10.46
CA LYS B 188 15.44 32.56 11.13
C LYS B 188 14.30 33.53 11.41
N SER B 189 14.39 34.20 12.56
CA SER B 189 13.33 35.11 13.01
C SER B 189 13.46 36.42 12.26
N ARG B 190 12.66 36.58 11.21
CA ARG B 190 12.62 37.81 10.45
C ARG B 190 11.52 38.73 11.01
N ILE B 191 11.22 39.81 10.29
CA ILE B 191 10.19 40.76 10.69
C ILE B 191 9.24 40.97 9.52
N THR B 192 8.00 41.37 9.85
CA THR B 192 6.97 41.59 8.84
C THR B 192 5.99 42.64 9.36
N SER B 193 5.44 43.42 8.44
CA SER B 193 4.53 44.51 8.78
C SER B 193 3.26 44.00 9.45
N GLU B 194 3.07 44.37 10.72
CA GLU B 194 1.81 44.19 11.44
C GLU B 194 1.51 42.73 11.77
N GLY B 195 2.30 41.80 11.22
CA GLY B 195 2.12 40.40 11.51
C GLY B 195 2.93 39.96 12.70
N GLU B 196 2.97 38.65 12.92
CA GLU B 196 3.80 38.06 13.96
C GLU B 196 5.25 37.92 13.54
N TYR B 197 5.63 38.63 12.47
CA TYR B 197 7.01 38.71 11.96
C TYR B 197 7.43 37.41 11.28
N ILE B 198 6.61 36.37 11.41
CA ILE B 198 6.84 35.08 10.75
C ILE B 198 8.27 34.63 10.99
N PRO B 199 8.60 34.13 12.19
CA PRO B 199 9.98 33.71 12.45
C PRO B 199 10.37 32.51 11.61
N LEU B 200 10.55 32.76 10.31
CA LEU B 200 10.85 31.73 9.34
C LEU B 200 11.44 32.40 8.10
N ASP B 201 12.47 31.77 7.53
CA ASP B 201 13.10 32.33 6.35
C ASP B 201 12.17 32.32 5.15
N GLN B 202 11.54 31.16 4.88
CA GLN B 202 10.57 30.98 3.81
C GLN B 202 11.26 31.02 2.44
N ILE B 203 12.54 31.38 2.42
CA ILE B 203 13.27 31.45 1.16
C ILE B 203 13.56 30.06 0.61
N ASP B 204 13.95 29.14 1.49
CA ASP B 204 14.26 27.75 1.10
C ASP B 204 15.34 27.71 0.01
N ILE B 205 16.36 28.55 0.17
CA ILE B 205 17.47 28.57 -0.78
C ILE B 205 18.41 27.41 -0.48
N ASN B 206 18.63 26.56 -1.47
CA ASN B 206 19.56 25.45 -1.34
C ASN B 206 20.95 25.81 -1.85
N VAL B 207 21.47 26.92 -1.35
CA VAL B 207 22.77 27.41 -1.80
C VAL B 207 23.88 26.55 -1.21
N GLY B 208 25.00 26.48 -1.93
CA GLY B 208 26.15 25.72 -1.48
C GLY B 208 26.77 24.87 -2.56
N PHE B 209 26.77 23.54 -2.36
CA PHE B 209 27.39 22.61 -3.31
C PHE B 209 26.46 22.43 -4.51
N ASP B 210 26.24 23.53 -5.22
CA ASP B 210 25.29 23.56 -6.32
C ASP B 210 25.91 22.91 -7.55
N SER B 211 25.45 21.69 -7.89
CA SER B 211 25.97 21.01 -9.06
C SER B 211 24.89 20.36 -9.92
N GLY B 212 23.62 20.44 -9.53
CA GLY B 212 22.53 20.05 -10.40
C GLY B 212 22.36 18.57 -10.68
N ILE B 213 21.96 17.80 -9.68
CA ILE B 213 21.51 16.43 -9.88
C ILE B 213 20.18 16.26 -9.16
N ASP B 214 19.94 17.12 -8.17
CA ASP B 214 18.79 16.96 -7.29
C ASP B 214 17.47 17.15 -8.03
N ARG B 215 17.25 18.35 -8.58
CA ARG B 215 16.02 18.62 -9.31
C ARG B 215 15.98 17.91 -10.65
N ILE B 216 17.13 17.57 -11.23
CA ILE B 216 17.14 16.80 -12.45
C ILE B 216 16.65 15.38 -12.16
N PHE B 217 15.85 14.85 -13.08
CA PHE B 217 15.24 13.53 -12.91
C PHE B 217 16.33 12.48 -13.09
N LEU B 218 17.09 12.26 -12.01
CA LEU B 218 18.20 11.33 -12.00
C LEU B 218 18.03 10.37 -10.83
N VAL B 219 18.59 9.16 -10.98
CA VAL B 219 18.37 8.10 -10.01
C VAL B 219 18.79 8.54 -8.61
N SER B 220 20.08 8.83 -8.44
CA SER B 220 20.63 9.18 -7.12
C SER B 220 21.06 10.63 -7.12
N PRO B 221 20.25 11.53 -6.56
CA PRO B 221 20.67 12.92 -6.43
C PRO B 221 21.73 13.11 -5.35
N ILE B 222 22.98 13.32 -5.76
CA ILE B 222 24.08 13.42 -4.81
C ILE B 222 24.37 14.89 -4.54
N THR B 223 24.13 15.74 -5.53
CA THR B 223 24.42 17.15 -5.43
C THR B 223 23.20 17.88 -4.85
N ILE B 224 23.21 19.20 -4.94
CA ILE B 224 22.06 20.01 -4.57
C ILE B 224 21.72 20.91 -5.73
N VAL B 225 20.48 21.40 -5.75
CA VAL B 225 20.05 22.29 -6.82
C VAL B 225 20.88 23.58 -6.78
N HIS B 226 20.88 24.29 -7.91
CA HIS B 226 21.73 25.47 -8.07
C HIS B 226 21.03 26.70 -7.50
N GLU B 227 21.68 27.39 -6.58
CA GLU B 227 21.23 28.67 -6.05
C GLU B 227 22.37 29.66 -6.23
N ILE B 228 22.19 30.59 -7.17
CA ILE B 228 23.22 31.57 -7.51
C ILE B 228 23.39 32.53 -6.35
N ASP B 229 24.44 33.36 -6.41
CA ASP B 229 24.75 34.30 -5.34
C ASP B 229 23.66 35.36 -5.21
N GLU B 230 23.85 36.29 -4.27
CA GLU B 230 22.90 37.29 -3.78
C GLU B 230 21.91 36.66 -2.80
N ASP B 231 22.00 35.35 -2.57
CA ASP B 231 21.24 34.70 -1.51
C ASP B 231 22.11 34.24 -0.36
N SER B 232 23.42 34.07 -0.59
CA SER B 232 24.42 33.69 0.39
C SER B 232 25.36 34.85 0.64
N PRO B 233 25.89 34.99 1.86
CA PRO B 233 26.77 36.13 2.18
C PRO B 233 28.16 35.98 1.60
N LEU B 234 28.35 35.09 0.63
CA LEU B 234 29.66 34.81 0.05
C LEU B 234 29.94 35.64 -1.20
N TYR B 235 29.38 36.84 -1.29
CA TYR B 235 29.72 37.77 -2.36
C TYR B 235 31.23 37.98 -2.36
N ASP B 236 31.74 38.57 -1.30
CA ASP B 236 33.17 38.67 -1.03
C ASP B 236 33.41 38.19 0.40
N LEU B 237 34.55 37.52 0.60
CA LEU B 237 34.93 36.93 1.88
C LEU B 237 34.01 35.75 2.22
N SER B 238 34.59 34.59 2.43
CA SER B 238 33.82 33.38 2.71
C SER B 238 34.63 32.50 3.65
N LYS B 239 34.28 31.21 3.72
CA LYS B 239 34.91 30.24 4.60
C LYS B 239 34.69 30.61 6.06
N GLN B 240 35.67 31.28 6.68
CA GLN B 240 35.64 31.42 8.13
C GLN B 240 34.69 32.51 8.61
N ASP B 241 34.47 33.56 7.80
CA ASP B 241 33.55 34.61 8.22
C ASP B 241 32.13 34.08 8.42
N ILE B 242 31.72 33.13 7.58
CA ILE B 242 30.42 32.48 7.76
C ILE B 242 30.53 31.22 8.62
N ASP B 243 31.72 30.64 8.74
CA ASP B 243 31.88 29.48 9.62
C ASP B 243 31.74 29.86 11.08
N ASN B 244 32.27 31.02 11.46
CA ASN B 244 32.18 31.46 12.84
C ASN B 244 30.77 31.96 13.18
N ALA B 245 30.14 32.69 12.25
CA ALA B 245 28.81 33.24 12.48
C ALA B 245 27.78 32.27 11.90
N ASP B 246 27.17 31.47 12.78
CA ASP B 246 26.21 30.47 12.35
C ASP B 246 25.35 30.06 13.55
N PHE B 247 24.09 29.75 13.27
CA PHE B 247 23.18 29.27 14.32
C PHE B 247 22.73 27.84 14.06
N GLU B 248 22.11 27.56 12.91
CA GLU B 248 21.64 26.21 12.60
C GLU B 248 21.58 26.06 11.08
N ILE B 249 22.37 25.12 10.56
CA ILE B 249 22.41 24.83 9.13
C ILE B 249 22.05 23.36 8.96
N VAL B 250 21.13 22.88 9.80
CA VAL B 250 20.65 21.50 9.75
C VAL B 250 20.25 21.14 8.33
N VAL B 251 20.87 20.09 7.79
CA VAL B 251 20.63 19.67 6.41
C VAL B 251 19.73 18.44 6.42
N ILE B 252 18.57 18.55 5.79
CA ILE B 252 17.62 17.46 5.73
C ILE B 252 17.18 17.24 4.29
N LEU B 253 17.32 16.01 3.81
CA LEU B 253 16.84 15.61 2.49
C LEU B 253 15.43 15.06 2.61
N GLU B 254 14.72 15.03 1.49
CA GLU B 254 13.30 14.67 1.51
C GLU B 254 12.98 13.77 0.33
N GLY B 255 11.96 12.93 0.51
CA GLY B 255 11.37 12.19 -0.58
C GLY B 255 12.18 11.08 -1.22
N MET B 256 12.42 9.99 -0.49
CA MET B 256 13.13 8.85 -1.07
C MET B 256 12.24 7.63 -1.25
N VAL B 257 11.50 7.25 -0.21
CA VAL B 257 10.83 5.96 -0.19
C VAL B 257 9.47 6.12 -0.86
N GLU B 258 9.47 6.06 -2.20
CA GLU B 258 8.26 6.06 -3.01
C GLU B 258 7.34 7.24 -2.71
N ALA B 259 7.80 8.21 -1.93
CA ALA B 259 6.97 9.33 -1.55
C ALA B 259 7.77 10.36 -0.77
N THR B 260 7.31 11.61 -0.82
CA THR B 260 8.01 12.71 -0.16
C THR B 260 7.61 12.84 1.31
N ALA B 261 6.67 12.02 1.78
CA ALA B 261 6.09 12.24 3.10
C ALA B 261 6.76 11.41 4.20
N MET B 262 6.84 10.09 4.05
CA MET B 262 7.53 9.29 5.07
C MET B 262 9.02 9.59 5.06
N THR B 263 9.64 9.58 3.86
CA THR B 263 11.02 9.99 3.59
C THR B 263 11.99 9.70 4.74
N THR B 264 12.89 10.64 5.02
CA THR B 264 13.71 10.59 6.24
C THR B 264 14.06 12.03 6.65
N GLN B 265 13.84 12.35 7.92
CA GLN B 265 14.12 13.70 8.41
C GLN B 265 15.19 13.71 9.49
N CYS B 266 16.29 12.99 9.26
CA CYS B 266 17.42 13.03 10.19
C CYS B 266 17.98 14.44 10.24
N HIS B 267 18.39 14.89 11.44
CA HIS B 267 18.84 16.26 11.60
C HIS B 267 20.07 16.56 10.75
N SER B 268 21.21 15.94 11.09
CA SER B 268 22.46 16.22 10.41
C SER B 268 22.73 17.72 10.42
N SER B 269 23.01 18.28 11.60
CA SER B 269 23.14 19.72 11.74
C SER B 269 24.21 20.27 10.80
N TYR B 270 25.43 19.74 10.87
CA TYR B 270 26.53 20.14 9.99
C TYR B 270 26.69 21.66 9.97
N LEU B 271 26.63 22.27 11.14
CA LEU B 271 26.68 23.72 11.23
C LEU B 271 28.03 24.24 10.74
N ALA B 272 28.04 25.52 10.38
CA ALA B 272 29.23 26.11 9.77
C ALA B 272 30.44 26.06 10.70
N ASN B 273 30.22 25.88 12.00
CA ASN B 273 31.34 25.69 12.92
C ASN B 273 32.09 24.41 12.60
N GLU B 274 31.38 23.34 12.23
CA GLU B 274 31.99 22.08 11.83
C GLU B 274 32.09 21.97 10.32
N ILE B 275 32.29 23.08 9.62
CA ILE B 275 32.59 23.08 8.20
C ILE B 275 33.95 23.74 8.03
N LEU B 276 34.83 23.49 8.99
CA LEU B 276 36.11 24.20 9.10
C LEU B 276 37.12 23.62 8.11
N TRP B 277 37.38 24.36 7.04
CA TRP B 277 38.57 24.22 6.20
C TRP B 277 38.73 22.86 5.54
N GLY B 278 37.71 22.00 5.57
CA GLY B 278 37.83 20.78 4.80
C GLY B 278 38.55 19.67 5.53
N HIS B 279 39.86 19.59 5.29
CA HIS B 279 40.79 18.68 5.99
C HIS B 279 40.37 17.21 5.86
N ARG B 280 39.97 16.81 4.66
CA ARG B 280 39.76 15.39 4.33
C ARG B 280 40.28 15.19 2.90
N TYR B 281 41.60 14.96 2.77
CA TYR B 281 42.20 14.87 1.45
C TYR B 281 41.72 13.64 0.70
N GLU B 282 42.30 12.49 1.05
CA GLU B 282 41.82 11.15 0.70
C GLU B 282 42.72 10.15 1.40
N PRO B 283 42.16 9.25 2.21
CA PRO B 283 42.97 8.11 2.69
C PRO B 283 43.06 6.96 1.68
N VAL B 284 42.46 7.10 0.50
CA VAL B 284 42.57 6.06 -0.52
C VAL B 284 43.99 6.05 -1.08
N LEU B 285 44.46 4.85 -1.44
CA LEU B 285 45.77 4.70 -2.05
C LEU B 285 45.77 4.95 -3.55
N PHE B 286 44.61 4.95 -4.19
CA PHE B 286 44.49 5.17 -5.64
C PHE B 286 43.78 6.46 -5.98
N GLU B 287 42.70 6.78 -5.26
CA GLU B 287 41.95 8.03 -5.36
C GLU B 287 41.09 8.15 -6.62
N GLU B 288 41.24 7.24 -7.59
CA GLU B 288 40.36 7.32 -8.75
C GLU B 288 39.85 6.00 -9.32
N LYS B 289 40.55 4.87 -9.18
CA LYS B 289 40.20 3.72 -10.02
C LYS B 289 39.08 2.81 -9.50
N HIS B 290 39.35 2.00 -8.48
CA HIS B 290 38.46 0.90 -8.13
C HIS B 290 38.96 0.25 -6.84
N TYR B 291 38.12 0.10 -5.81
CA TYR B 291 38.68 -0.17 -4.49
C TYR B 291 38.28 -1.52 -3.88
N TYR B 292 37.00 -1.76 -3.57
CA TYR B 292 36.71 -2.77 -2.54
C TYR B 292 36.13 -4.06 -3.06
N LYS B 293 35.01 -4.03 -3.79
CA LYS B 293 34.19 -5.21 -4.10
C LYS B 293 33.65 -5.89 -2.85
N VAL B 294 33.87 -5.32 -1.66
CA VAL B 294 33.42 -5.95 -0.42
C VAL B 294 32.52 -5.00 0.40
N ASP B 295 33.03 -3.85 0.84
CA ASP B 295 32.29 -3.01 1.77
C ASP B 295 33.04 -1.69 1.98
N TYR B 296 32.35 -0.74 2.62
CA TYR B 296 32.95 0.54 2.99
C TYR B 296 33.87 0.37 4.18
N SER B 297 34.80 1.33 4.34
CA SER B 297 35.74 1.29 5.45
C SER B 297 35.68 2.51 6.35
N ARG B 298 35.83 3.72 5.80
CA ARG B 298 36.07 4.92 6.60
C ARG B 298 34.96 5.96 6.49
N PHE B 299 33.87 5.64 5.81
CA PHE B 299 32.67 6.49 5.75
C PHE B 299 32.89 7.79 4.96
N HIS B 300 33.27 8.86 5.64
CA HIS B 300 32.98 10.21 5.16
C HIS B 300 34.17 10.97 4.57
N LYS B 301 35.41 10.60 4.92
CA LYS B 301 36.55 11.49 4.65
C LYS B 301 36.67 11.80 3.16
N THR B 302 36.42 13.06 2.80
CA THR B 302 36.40 13.51 1.42
C THR B 302 36.46 15.03 1.39
N TYR B 303 37.10 15.58 0.35
CA TYR B 303 37.04 17.00 -0.01
C TYR B 303 37.77 17.95 0.94
N GLU B 304 39.06 17.72 1.16
CA GLU B 304 39.86 18.67 1.92
C GLU B 304 39.90 20.04 1.24
N VAL B 305 40.28 21.04 2.01
CA VAL B 305 40.68 22.34 1.46
C VAL B 305 41.50 23.10 2.51
N PRO B 306 42.71 22.62 2.85
CA PRO B 306 43.57 23.42 3.73
C PRO B 306 44.40 24.42 2.94
N ASN B 307 43.77 25.10 2.00
CA ASN B 307 44.44 26.06 1.13
C ASN B 307 43.79 27.44 1.18
N THR B 308 42.47 27.49 1.26
CA THR B 308 41.80 28.77 1.37
C THR B 308 41.95 29.30 2.79
N PRO B 309 42.54 30.48 2.99
CA PRO B 309 42.74 31.00 4.34
C PRO B 309 41.48 31.52 4.98
N LEU B 310 41.63 32.20 6.14
CA LEU B 310 40.50 32.81 6.81
C LEU B 310 39.68 33.68 5.85
N CYS B 311 40.36 34.43 4.99
CA CYS B 311 39.71 35.26 3.98
C CYS B 311 39.64 34.49 2.67
N SER B 312 38.45 34.46 2.06
CA SER B 312 38.26 33.71 0.82
C SER B 312 37.13 34.36 0.04
N ALA B 313 37.46 35.13 -0.99
CA ALA B 313 36.45 35.70 -1.86
C ALA B 313 35.93 34.64 -2.82
N ARG B 314 34.63 34.69 -3.09
CA ARG B 314 33.99 33.71 -3.97
C ARG B 314 33.56 34.32 -5.30
N ASP B 315 32.77 35.39 -5.27
CA ASP B 315 32.22 35.97 -6.49
C ASP B 315 32.74 37.38 -6.75
N LEU B 316 32.75 38.24 -5.74
CA LEU B 316 33.22 39.61 -5.94
C LEU B 316 34.70 39.63 -6.30
N ALA B 317 35.51 38.81 -5.63
CA ALA B 317 36.95 38.73 -5.87
C ALA B 317 37.62 40.09 -5.73
N ARG C 1 -26.05 23.06 1.06
CA ARG C 1 -24.74 23.27 1.64
C ARG C 1 -24.36 22.11 2.56
N PHE C 2 -23.80 21.06 1.97
CA PHE C 2 -23.40 19.87 2.72
C PHE C 2 -22.15 19.28 2.06
N VAL C 3 -21.83 18.04 2.45
CA VAL C 3 -20.71 17.31 1.86
C VAL C 3 -21.15 15.96 1.31
N LYS C 4 -21.97 15.22 2.06
CA LYS C 4 -22.42 13.90 1.63
C LYS C 4 -23.52 13.97 0.56
N LYS C 5 -24.35 15.00 0.60
CA LYS C 5 -25.58 15.05 -0.19
C LYS C 5 -25.59 16.25 -1.13
N ASP C 6 -24.46 16.56 -1.76
CA ASP C 6 -24.37 17.67 -2.70
C ASP C 6 -24.14 17.12 -4.11
N GLY C 7 -24.05 18.04 -5.06
CA GLY C 7 -23.94 17.68 -6.46
C GLY C 7 -25.30 17.43 -7.08
N HIS C 8 -26.23 18.37 -6.88
CA HIS C 8 -27.62 18.21 -7.22
C HIS C 8 -27.83 18.52 -8.70
N CYS C 9 -28.21 17.49 -9.48
CA CYS C 9 -28.24 17.63 -10.94
C CYS C 9 -29.42 16.97 -11.64
N ASN C 10 -30.24 16.12 -10.99
CA ASN C 10 -31.09 15.20 -11.75
C ASN C 10 -32.40 14.91 -11.03
N VAL C 11 -33.52 15.33 -11.62
CA VAL C 11 -34.84 14.77 -11.36
C VAL C 11 -35.61 14.72 -12.68
N GLN C 12 -36.78 14.08 -12.63
CA GLN C 12 -37.76 14.16 -13.70
C GLN C 12 -39.09 14.76 -13.24
N PHE C 13 -39.69 14.20 -12.18
CA PHE C 13 -40.84 14.81 -11.52
C PHE C 13 -40.80 14.57 -10.02
N ILE C 14 -39.72 14.00 -9.50
CA ILE C 14 -39.61 13.64 -8.09
C ILE C 14 -39.26 14.84 -7.23
N ASN C 15 -38.31 15.66 -7.68
CA ASN C 15 -37.84 16.82 -6.95
C ASN C 15 -37.36 16.45 -5.55
N ALA C 25 -26.21 -13.84 -2.54
CA ALA C 25 -26.38 -12.44 -2.20
C ALA C 25 -25.03 -11.74 -2.07
N ASP C 26 -24.98 -10.48 -2.48
CA ASP C 26 -23.77 -9.67 -2.45
C ASP C 26 -23.95 -8.55 -1.44
N ILE C 27 -23.14 -8.58 -0.37
CA ILE C 27 -23.15 -7.52 0.62
C ILE C 27 -21.84 -6.74 0.53
N PHE C 28 -20.74 -7.41 0.86
CA PHE C 28 -19.37 -6.97 0.61
C PHE C 28 -19.16 -5.46 0.65
N THR C 29 -18.76 -4.90 -0.49
CA THR C 29 -18.61 -3.47 -0.76
C THR C 29 -17.83 -2.82 0.37
N THR C 30 -18.12 -1.55 0.65
CA THR C 30 -17.51 -0.88 1.79
C THR C 30 -18.26 -1.17 3.09
N CYS C 31 -19.46 -1.71 3.00
CA CYS C 31 -20.25 -1.97 4.20
C CYS C 31 -19.67 -3.09 5.05
N VAL C 32 -18.73 -3.88 4.51
CA VAL C 32 -17.99 -4.82 5.35
C VAL C 32 -16.84 -4.08 6.04
N ASP C 33 -17.10 -3.55 7.23
CA ASP C 33 -16.10 -2.82 7.99
C ASP C 33 -16.40 -3.00 9.48
N ILE C 34 -15.78 -2.17 10.32
CA ILE C 34 -15.95 -2.25 11.76
C ILE C 34 -16.20 -0.84 12.30
N ARG C 35 -16.94 -0.76 13.40
CA ARG C 35 -17.24 0.51 14.05
C ARG C 35 -16.86 0.45 15.53
N TRP C 36 -15.63 0.03 15.81
CA TRP C 36 -15.12 -0.14 17.17
C TRP C 36 -15.95 -1.17 17.92
N ARG C 37 -16.90 -0.72 18.73
CA ARG C 37 -17.78 -1.64 19.45
C ARG C 37 -19.04 -1.94 18.67
N TRP C 38 -18.86 -2.27 17.38
CA TRP C 38 -19.97 -2.55 16.48
C TRP C 38 -19.43 -3.33 15.29
N MET C 39 -20.35 -3.81 14.46
CA MET C 39 -20.12 -4.46 13.17
C MET C 39 -19.46 -5.84 13.29
N LEU C 40 -19.11 -6.30 14.49
CA LEU C 40 -18.78 -7.69 14.69
C LEU C 40 -20.02 -8.55 14.93
N VAL C 41 -21.16 -7.90 15.19
CA VAL C 41 -22.40 -8.62 15.39
C VAL C 41 -22.83 -9.33 14.12
N ILE C 42 -22.62 -8.70 12.96
CA ILE C 42 -22.96 -9.35 11.70
C ILE C 42 -22.12 -10.62 11.51
N PHE C 43 -20.83 -10.55 11.85
CA PHE C 43 -19.98 -11.72 11.73
C PHE C 43 -20.43 -12.82 12.68
N CYS C 44 -20.74 -12.46 13.93
CA CYS C 44 -21.13 -13.48 14.89
C CYS C 44 -22.48 -14.09 14.52
N LEU C 45 -23.39 -13.30 13.96
CA LEU C 45 -24.67 -13.86 13.57
C LEU C 45 -24.55 -14.76 12.35
N ALA C 46 -23.69 -14.40 11.39
CA ALA C 46 -23.40 -15.32 10.30
C ALA C 46 -22.83 -16.62 10.83
N PHE C 47 -21.92 -16.52 11.81
CA PHE C 47 -21.37 -17.70 12.45
C PHE C 47 -22.46 -18.58 13.03
N VAL C 48 -23.32 -17.98 13.86
CA VAL C 48 -24.31 -18.78 14.57
C VAL C 48 -25.33 -19.37 13.61
N LEU C 49 -25.70 -18.65 12.55
CA LEU C 49 -26.62 -19.21 11.57
C LEU C 49 -26.00 -20.40 10.85
N SER C 50 -24.72 -20.30 10.47
CA SER C 50 -24.04 -21.46 9.89
C SER C 50 -24.02 -22.62 10.85
N TRP C 51 -23.72 -22.34 12.13
CA TRP C 51 -23.61 -23.39 13.13
C TRP C 51 -24.95 -24.08 13.34
N LEU C 52 -26.03 -23.30 13.39
CA LEU C 52 -27.37 -23.87 13.57
C LEU C 52 -27.79 -24.67 12.33
N PHE C 53 -27.41 -24.21 11.14
CA PHE C 53 -27.69 -24.99 9.94
C PHE C 53 -27.02 -26.35 10.00
N PHE C 54 -25.74 -26.36 10.37
CA PHE C 54 -25.04 -27.64 10.50
C PHE C 54 -25.69 -28.51 11.57
N GLY C 55 -26.08 -27.91 12.70
CA GLY C 55 -26.68 -28.68 13.77
C GLY C 55 -28.03 -29.28 13.40
N CYS C 56 -28.87 -28.52 12.68
CA CYS C 56 -30.17 -29.04 12.30
C CYS C 56 -30.03 -30.14 11.25
N VAL C 57 -29.09 -29.98 10.31
CA VAL C 57 -28.81 -31.06 9.37
C VAL C 57 -28.36 -32.30 10.13
N PHE C 58 -27.50 -32.11 11.14
CA PHE C 58 -27.02 -33.24 11.92
C PHE C 58 -28.15 -33.93 12.66
N TRP C 59 -29.07 -33.17 13.25
CA TRP C 59 -30.18 -33.78 13.96
C TRP C 59 -31.10 -34.55 13.01
N LEU C 60 -31.43 -33.95 11.87
CA LEU C 60 -32.30 -34.64 10.92
C LEU C 60 -31.67 -35.93 10.43
N ILE C 61 -30.38 -35.88 10.08
CA ILE C 61 -29.73 -37.09 9.61
C ILE C 61 -29.58 -38.11 10.73
N ALA C 62 -29.35 -37.68 11.97
CA ALA C 62 -29.32 -38.62 13.08
C ALA C 62 -30.66 -39.28 13.27
N LEU C 63 -31.74 -38.57 12.95
CA LEU C 63 -33.05 -39.21 12.90
C LEU C 63 -33.15 -40.20 11.75
N LEU C 64 -32.40 -39.96 10.65
CA LEU C 64 -32.48 -40.82 9.48
C LEU C 64 -31.16 -41.49 9.12
N HIS C 65 -30.21 -41.58 10.05
CA HIS C 65 -28.92 -42.18 9.75
C HIS C 65 -29.03 -43.70 9.72
N GLY C 66 -27.95 -44.34 9.24
CA GLY C 66 -27.91 -45.79 9.20
C GLY C 66 -28.00 -46.41 10.58
N ASP C 67 -27.26 -45.84 11.54
CA ASP C 67 -27.37 -46.26 12.94
C ASP C 67 -28.59 -45.66 13.63
N LEU C 68 -29.31 -44.75 12.97
CA LEU C 68 -30.56 -44.20 13.45
C LEU C 68 -30.35 -43.43 14.75
N ASP C 69 -31.44 -43.01 15.39
CA ASP C 69 -31.37 -42.26 16.63
C ASP C 69 -30.97 -43.18 17.78
N ALA C 70 -30.02 -42.72 18.59
CA ALA C 70 -29.59 -43.43 19.81
C ALA C 70 -29.02 -44.81 19.50
N SER C 71 -28.48 -45.00 18.29
CA SER C 71 -27.77 -46.22 17.89
C SER C 71 -28.65 -47.46 18.09
N LYS C 72 -29.73 -47.50 17.31
CA LYS C 72 -30.62 -48.65 17.34
C LYS C 72 -30.01 -49.88 16.70
N GLU C 73 -28.92 -49.73 15.94
CA GLU C 73 -28.29 -50.85 15.26
C GLU C 73 -27.12 -51.44 16.03
N GLY C 74 -26.59 -50.75 17.03
CA GLY C 74 -25.41 -51.20 17.72
C GLY C 74 -24.16 -50.93 16.92
N LYS C 75 -23.06 -50.59 17.59
CA LYS C 75 -21.82 -50.17 16.93
C LYS C 75 -22.11 -49.00 15.98
N ALA C 76 -22.50 -47.89 16.60
CA ALA C 76 -23.05 -46.77 15.87
C ALA C 76 -22.07 -46.22 14.83
N CYS C 77 -22.61 -45.84 13.68
CA CYS C 77 -21.80 -45.16 12.67
C CYS C 77 -21.32 -43.82 13.18
N VAL C 78 -22.03 -43.25 14.17
CA VAL C 78 -21.68 -41.98 14.78
C VAL C 78 -22.43 -41.88 16.10
N SER C 79 -21.79 -41.28 17.11
CA SER C 79 -22.43 -41.08 18.40
C SER C 79 -23.59 -40.11 18.23
N GLU C 80 -24.81 -40.65 18.31
CA GLU C 80 -26.00 -39.84 18.07
C GLU C 80 -26.19 -38.82 19.19
N VAL C 81 -26.71 -37.65 18.81
CA VAL C 81 -26.88 -36.58 19.79
C VAL C 81 -28.10 -36.85 20.66
N ASN C 82 -28.11 -36.21 21.83
CA ASN C 82 -29.22 -36.37 22.75
C ASN C 82 -30.52 -35.81 22.15
N SER C 83 -30.44 -34.65 21.52
CA SER C 83 -31.63 -33.99 20.99
C SER C 83 -31.19 -33.00 19.91
N PHE C 84 -32.13 -32.13 19.53
CA PHE C 84 -31.87 -31.12 18.51
C PHE C 84 -30.84 -30.10 18.99
N THR C 85 -30.98 -29.66 20.25
CA THR C 85 -29.97 -28.79 20.82
C THR C 85 -28.63 -29.50 20.95
N ALA C 86 -28.66 -30.80 21.28
CA ALA C 86 -27.43 -31.57 21.32
C ALA C 86 -26.78 -31.65 19.95
N ALA C 87 -27.59 -31.68 18.89
CA ALA C 87 -27.04 -31.64 17.54
C ALA C 87 -26.43 -30.28 17.23
N PHE C 88 -27.07 -29.21 17.68
CA PHE C 88 -26.46 -27.88 17.57
C PHE C 88 -25.07 -27.87 18.21
N LEU C 89 -24.99 -28.38 19.44
CA LEU C 89 -23.71 -28.42 20.14
C LEU C 89 -22.72 -29.33 19.44
N PHE C 90 -23.20 -30.44 18.87
CA PHE C 90 -22.34 -31.30 18.09
C PHE C 90 -21.72 -30.55 16.92
N SER C 91 -22.54 -29.80 16.19
CA SER C 91 -22.04 -29.01 15.08
C SER C 91 -20.98 -28.03 15.54
N ILE C 92 -21.30 -27.26 16.59
CA ILE C 92 -20.36 -26.24 17.08
C ILE C 92 -19.06 -26.89 17.53
N GLU C 93 -19.17 -27.99 18.29
CA GLU C 93 -18.00 -28.74 18.71
C GLU C 93 -17.12 -29.12 17.53
N THR C 94 -17.72 -29.72 16.50
CA THR C 94 -16.92 -30.22 15.39
C THR C 94 -16.25 -29.08 14.64
N GLN C 95 -17.01 -28.07 14.25
CA GLN C 95 -16.47 -27.02 13.39
C GLN C 95 -15.46 -26.14 14.12
N THR C 96 -15.70 -25.84 15.39
CA THR C 96 -14.80 -24.99 16.15
C THR C 96 -13.49 -25.68 16.50
N THR C 97 -13.26 -26.87 15.97
CA THR C 97 -12.00 -27.60 16.13
C THR C 97 -11.68 -27.81 17.62
N ILE C 98 -12.66 -28.38 18.32
CA ILE C 98 -12.51 -28.74 19.72
C ILE C 98 -12.40 -30.25 19.89
N GLY C 99 -13.39 -31.01 19.41
CA GLY C 99 -13.22 -32.43 19.19
C GLY C 99 -13.07 -33.31 20.41
N TYR C 100 -14.14 -33.48 21.18
CA TYR C 100 -14.09 -34.38 22.32
C TYR C 100 -13.97 -35.82 21.87
N GLY C 101 -14.95 -36.32 21.13
CA GLY C 101 -14.92 -37.67 20.62
C GLY C 101 -15.96 -38.57 21.24
N PHE C 102 -16.22 -38.41 22.54
CA PHE C 102 -17.21 -39.25 23.20
C PHE C 102 -18.60 -39.05 22.61
N ARG C 103 -18.96 -37.80 22.32
CA ARG C 103 -20.21 -37.49 21.64
C ARG C 103 -20.04 -37.37 20.13
N CYS C 104 -18.81 -37.44 19.63
CA CYS C 104 -18.55 -37.19 18.22
C CYS C 104 -18.56 -38.47 17.40
N VAL C 105 -18.06 -38.38 16.17
CA VAL C 105 -18.17 -39.49 15.23
C VAL C 105 -17.48 -40.74 15.79
N THR C 106 -17.96 -41.90 15.35
CA THR C 106 -17.43 -43.19 15.74
C THR C 106 -16.88 -43.89 14.50
N ASP C 107 -16.62 -45.20 14.62
CA ASP C 107 -16.11 -46.00 13.50
C ASP C 107 -16.78 -45.62 12.19
N GLU C 108 -15.98 -45.55 11.13
CA GLU C 108 -16.41 -44.95 9.88
C GLU C 108 -17.59 -45.70 9.28
N CYS C 109 -18.48 -44.94 8.65
CA CYS C 109 -19.69 -45.43 8.02
C CYS C 109 -19.89 -44.67 6.72
N PRO C 110 -20.29 -45.33 5.62
CA PRO C 110 -20.31 -44.67 4.30
C PRO C 110 -20.98 -43.31 4.31
N ILE C 111 -22.25 -43.26 4.71
CA ILE C 111 -22.94 -41.98 4.80
C ILE C 111 -22.28 -41.09 5.85
N ALA C 112 -21.84 -41.68 6.96
CA ALA C 112 -21.12 -40.90 7.96
C ALA C 112 -19.81 -40.37 7.40
N VAL C 113 -19.11 -41.17 6.60
CA VAL C 113 -17.87 -40.71 5.96
C VAL C 113 -18.18 -39.51 5.06
N PHE C 114 -19.20 -39.62 4.22
CA PHE C 114 -19.54 -38.52 3.34
C PHE C 114 -19.85 -37.25 4.14
N MET C 115 -20.72 -37.36 5.13
CA MET C 115 -21.10 -36.15 5.87
C MET C 115 -19.90 -35.55 6.57
N VAL C 116 -19.04 -36.38 7.18
CA VAL C 116 -17.94 -35.83 7.95
C VAL C 116 -16.90 -35.19 7.04
N VAL C 117 -16.71 -35.72 5.83
CA VAL C 117 -15.77 -35.04 4.93
C VAL C 117 -16.35 -33.71 4.46
N PHE C 118 -17.67 -33.66 4.18
CA PHE C 118 -18.23 -32.35 3.86
C PHE C 118 -18.16 -31.41 5.07
N GLN C 119 -18.23 -31.95 6.29
CA GLN C 119 -18.12 -31.09 7.46
C GLN C 119 -16.70 -30.55 7.60
N SER C 120 -15.70 -31.36 7.28
CA SER C 120 -14.33 -30.86 7.24
C SER C 120 -14.19 -29.75 6.21
N ILE C 121 -14.84 -29.92 5.07
CA ILE C 121 -14.83 -28.88 4.04
C ILE C 121 -15.46 -27.59 4.58
N VAL C 122 -16.66 -27.71 5.16
CA VAL C 122 -17.33 -26.50 5.64
C VAL C 122 -16.51 -25.86 6.76
N GLY C 123 -15.81 -26.67 7.56
CA GLY C 123 -14.95 -26.11 8.58
C GLY C 123 -13.78 -25.32 8.01
N CYS C 124 -13.11 -25.87 7.01
CA CYS C 124 -11.94 -25.15 6.48
C CYS C 124 -12.37 -23.88 5.76
N ILE C 125 -13.43 -23.95 4.96
CA ILE C 125 -13.88 -22.71 4.31
C ILE C 125 -14.50 -21.73 5.31
N ILE C 126 -15.09 -22.21 6.41
CA ILE C 126 -15.57 -21.22 7.37
C ILE C 126 -14.38 -20.55 8.06
N ASP C 127 -13.33 -21.30 8.37
CA ASP C 127 -12.11 -20.68 8.86
C ASP C 127 -11.58 -19.66 7.86
N ALA C 128 -11.74 -19.95 6.57
CA ALA C 128 -11.42 -18.95 5.56
C ALA C 128 -12.32 -17.73 5.71
N PHE C 129 -13.59 -17.94 6.05
CA PHE C 129 -14.48 -16.80 6.25
C PHE C 129 -13.98 -15.92 7.38
N ILE C 130 -13.54 -16.54 8.47
CA ILE C 130 -12.95 -15.76 9.56
C ILE C 130 -11.68 -15.05 9.10
N ILE C 131 -10.79 -15.76 8.39
CA ILE C 131 -9.57 -15.11 7.95
C ILE C 131 -9.89 -13.95 7.02
N GLY C 132 -11.09 -13.97 6.43
CA GLY C 132 -11.56 -12.81 5.70
C GLY C 132 -11.94 -11.68 6.65
N ALA C 133 -11.40 -11.70 7.86
CA ALA C 133 -11.61 -10.61 8.80
C ALA C 133 -11.10 -9.31 8.20
N VAL C 134 -11.76 -8.22 8.53
CA VAL C 134 -11.36 -6.90 8.09
C VAL C 134 -10.03 -6.54 8.73
N MET C 135 -9.26 -5.67 8.07
CA MET C 135 -8.00 -5.19 8.61
C MET C 135 -8.06 -3.67 8.79
N ALA C 136 -9.05 -3.17 9.50
CA ALA C 136 -9.17 -1.73 9.71
C ALA C 136 -8.06 -1.30 10.65
N LYS C 137 -6.88 -1.05 10.08
CA LYS C 137 -5.61 -0.97 10.80
C LYS C 137 -4.83 0.24 10.29
N MET C 138 -3.51 0.22 10.51
CA MET C 138 -2.60 1.28 10.08
C MET C 138 -2.97 1.85 8.71
N ALA C 139 -3.38 0.98 7.78
CA ALA C 139 -3.76 1.45 6.45
C ALA C 139 -5.10 2.15 6.46
N LYS C 140 -6.08 1.64 7.22
CA LYS C 140 -7.44 2.15 7.23
C LYS C 140 -7.88 2.42 8.67
N PRO C 141 -7.42 3.51 9.27
CA PRO C 141 -7.80 3.83 10.64
C PRO C 141 -9.06 4.69 10.70
N LYS C 142 -9.70 4.65 11.87
CA LYS C 142 -10.85 5.50 12.12
C LYS C 142 -10.47 6.84 12.73
N LYS C 143 -9.29 6.92 13.35
CA LYS C 143 -8.79 8.18 13.91
C LYS C 143 -7.77 8.75 12.93
N ARG C 144 -8.20 9.74 12.17
CA ARG C 144 -7.38 10.36 11.14
C ARG C 144 -6.24 11.16 11.77
N ASN C 145 -5.08 11.12 11.11
CA ASN C 145 -3.92 11.92 11.52
C ASN C 145 -4.16 13.37 11.12
N GLU C 146 -5.07 14.03 11.83
CA GLU C 146 -5.48 15.40 11.54
C GLU C 146 -5.25 16.28 12.76
N THR C 147 -4.09 16.13 13.39
CA THR C 147 -3.75 16.89 14.59
C THR C 147 -3.42 18.35 14.29
N LEU C 148 -3.59 18.77 13.04
CA LEU C 148 -3.32 20.15 12.63
C LEU C 148 -4.53 21.01 12.95
N VAL C 149 -4.40 21.86 13.98
CA VAL C 149 -5.38 22.90 14.23
C VAL C 149 -5.22 23.96 13.15
N PHE C 150 -6.27 24.19 12.36
CA PHE C 150 -6.14 25.09 11.22
C PHE C 150 -6.25 26.54 11.65
N SER C 151 -7.43 26.95 12.11
CA SER C 151 -7.65 28.31 12.60
C SER C 151 -9.06 28.38 13.18
N HIS C 152 -9.47 29.60 13.54
CA HIS C 152 -10.77 29.94 14.07
C HIS C 152 -11.17 31.25 13.42
N ASN C 153 -12.04 32.04 14.05
CA ASN C 153 -12.44 33.34 13.51
C ASN C 153 -11.21 34.04 12.93
N ALA C 154 -11.25 34.27 11.62
CA ALA C 154 -10.03 34.49 10.85
C ALA C 154 -9.67 35.98 10.84
N VAL C 155 -8.64 36.32 10.05
CA VAL C 155 -8.03 37.64 10.05
C VAL C 155 -7.86 38.09 8.61
N ILE C 156 -7.71 39.41 8.42
CA ILE C 156 -7.47 39.95 7.09
C ILE C 156 -6.19 40.78 7.09
N ALA C 157 -6.18 41.86 7.88
CA ALA C 157 -5.07 42.81 7.94
C ALA C 157 -4.82 43.46 6.59
N MET C 158 -3.79 44.31 6.51
CA MET C 158 -3.41 44.89 5.23
C MET C 158 -2.66 43.92 4.33
N ARG C 159 -2.21 42.79 4.88
CA ARG C 159 -1.54 41.75 4.10
C ARG C 159 -0.29 42.31 3.41
N ASP C 160 0.43 43.19 4.12
CA ASP C 160 1.56 43.93 3.57
C ASP C 160 1.19 44.71 2.32
N GLY C 161 -0.09 45.09 2.19
CA GLY C 161 -0.53 45.89 1.07
C GLY C 161 -0.85 45.09 -0.18
N LYS C 162 -0.07 44.05 -0.45
CA LYS C 162 -0.17 43.28 -1.69
C LYS C 162 -0.37 41.81 -1.40
N LEU C 163 -1.32 41.49 -0.52
CA LEU C 163 -1.76 40.12 -0.28
C LEU C 163 -0.60 39.24 0.19
N CYS C 164 -0.07 39.58 1.36
CA CYS C 164 1.08 38.88 1.93
C CYS C 164 0.78 38.52 3.38
N LEU C 165 0.50 37.24 3.63
CA LEU C 165 0.27 36.70 4.97
C LEU C 165 0.29 35.18 4.83
N MET C 166 -0.09 34.48 5.91
CA MET C 166 -0.20 33.03 5.86
C MET C 166 -1.23 32.57 6.87
N TRP C 167 -1.58 31.29 6.81
CA TRP C 167 -2.56 30.71 7.72
C TRP C 167 -1.87 29.95 8.84
N ARG C 168 -2.54 29.91 9.99
CA ARG C 168 -2.05 29.14 11.13
C ARG C 168 -2.10 27.65 10.82
N VAL C 169 -1.10 26.93 11.31
CA VAL C 169 -1.08 25.47 11.25
C VAL C 169 -0.58 24.94 12.58
N GLY C 170 -1.30 23.99 13.16
CA GLY C 170 -0.89 23.40 14.43
C GLY C 170 -0.57 21.92 14.28
N ASN C 171 0.12 21.57 13.21
CA ASN C 171 0.41 20.17 12.90
C ASN C 171 1.28 19.55 13.98
N LEU C 172 0.86 18.36 14.44
CA LEU C 172 1.66 17.55 15.34
C LEU C 172 1.65 16.09 14.90
N ARG C 173 1.60 15.86 13.58
CA ARG C 173 1.51 14.51 13.03
C ARG C 173 2.86 13.82 13.17
N LYS C 174 3.27 13.60 14.41
CA LYS C 174 4.60 13.09 14.74
C LYS C 174 5.71 14.01 14.21
N SER C 175 5.38 15.30 14.02
CA SER C 175 6.30 16.32 13.52
C SER C 175 6.86 15.98 12.15
N HIS C 176 6.23 15.05 11.43
CA HIS C 176 6.69 14.64 10.11
C HIS C 176 5.48 14.35 9.25
N LEU C 177 5.72 13.69 8.11
CA LEU C 177 4.65 13.25 7.20
C LEU C 177 3.80 14.43 6.73
N VAL C 178 4.44 15.55 6.42
CA VAL C 178 3.74 16.76 6.02
C VAL C 178 4.22 17.18 4.63
N GLU C 179 3.28 17.23 3.69
CA GLU C 179 3.50 17.80 2.36
C GLU C 179 2.14 17.99 1.69
N ALA C 180 1.74 19.23 1.42
CA ALA C 180 0.38 19.51 0.99
C ALA C 180 0.36 20.47 -0.19
N HIS C 181 -0.84 20.74 -0.68
CA HIS C 181 -1.07 21.73 -1.72
C HIS C 181 -2.50 22.26 -1.59
N VAL C 182 -2.85 23.21 -2.44
CA VAL C 182 -4.16 23.85 -2.33
C VAL C 182 -5.21 23.07 -3.11
N ARG C 183 -4.97 22.84 -4.40
CA ARG C 183 -5.99 22.30 -5.30
C ARG C 183 -7.28 23.09 -5.17
N ALA C 184 -8.29 22.50 -4.52
CA ALA C 184 -9.52 23.19 -4.14
C ALA C 184 -10.30 23.74 -5.33
N GLN C 185 -11.40 24.43 -5.04
CA GLN C 185 -12.26 25.02 -6.06
C GLN C 185 -13.28 25.91 -5.37
N LEU C 186 -13.51 27.09 -5.92
CA LEU C 186 -14.54 28.00 -5.44
C LEU C 186 -15.88 27.66 -6.10
N LEU C 187 -16.95 28.29 -5.63
CA LEU C 187 -18.30 27.96 -6.08
C LEU C 187 -19.16 29.20 -6.10
N LYS C 188 -19.87 29.41 -7.21
CA LYS C 188 -20.87 30.47 -7.36
C LYS C 188 -21.61 30.23 -8.66
N SER C 189 -22.91 30.52 -8.65
CA SER C 189 -23.78 30.28 -9.80
C SER C 189 -23.56 31.38 -10.82
N ARG C 190 -22.74 31.11 -11.83
CA ARG C 190 -22.50 32.05 -12.92
C ARG C 190 -23.47 31.76 -14.06
N ILE C 191 -23.25 32.39 -15.21
CA ILE C 191 -24.08 32.20 -16.39
C ILE C 191 -23.19 31.88 -17.58
N THR C 192 -23.76 31.19 -18.57
CA THR C 192 -23.02 30.79 -19.76
C THR C 192 -24.00 30.68 -20.92
N SER C 193 -23.50 30.98 -22.12
CA SER C 193 -24.31 30.98 -23.32
C SER C 193 -24.87 29.59 -23.65
N GLU C 194 -26.20 29.46 -23.58
CA GLU C 194 -26.93 28.30 -24.08
C GLU C 194 -26.71 27.04 -23.23
N GLY C 195 -25.78 27.10 -22.28
CA GLY C 195 -25.54 25.99 -21.40
C GLY C 195 -26.39 26.06 -20.15
N GLU C 196 -26.09 25.16 -19.21
CA GLU C 196 -26.75 25.18 -17.91
C GLU C 196 -26.15 26.21 -16.97
N TYR C 197 -25.39 27.16 -17.53
CA TYR C 197 -24.82 28.30 -16.81
C TYR C 197 -23.66 27.88 -15.92
N ILE C 198 -23.47 26.56 -15.76
CA ILE C 198 -22.35 26.00 -14.99
C ILE C 198 -22.26 26.68 -13.64
N PRO C 199 -23.15 26.37 -12.69
CA PRO C 199 -23.09 27.03 -11.38
C PRO C 199 -21.81 26.68 -10.63
N LEU C 200 -20.70 27.23 -11.10
CA LEU C 200 -19.38 26.92 -10.57
C LEU C 200 -18.43 28.03 -11.01
N ASP C 201 -17.57 28.48 -10.10
CA ASP C 201 -16.62 29.53 -10.43
C ASP C 201 -15.60 29.06 -11.47
N GLN C 202 -15.00 27.90 -11.24
CA GLN C 202 -14.04 27.28 -12.16
C GLN C 202 -12.72 28.06 -12.18
N ILE C 203 -12.70 29.23 -11.53
CA ILE C 203 -11.49 30.05 -11.52
C ILE C 203 -10.44 29.43 -10.60
N ASP C 204 -10.85 28.92 -9.44
CA ASP C 204 -9.95 28.30 -8.47
C ASP C 204 -8.82 29.26 -8.07
N ILE C 205 -9.17 30.52 -7.86
CA ILE C 205 -8.19 31.52 -7.44
C ILE C 205 -7.93 31.37 -5.95
N ASN C 206 -6.68 31.15 -5.58
CA ASN C 206 -6.28 31.06 -4.18
C ASN C 206 -5.80 32.40 -3.64
N VAL C 207 -6.63 33.43 -3.84
CA VAL C 207 -6.28 34.77 -3.41
C VAL C 207 -6.37 34.89 -1.89
N GLY C 208 -5.56 35.79 -1.33
CA GLY C 208 -5.57 36.02 0.10
C GLY C 208 -4.19 36.11 0.71
N PHE C 209 -3.87 35.19 1.62
CA PHE C 209 -2.59 35.20 2.33
C PHE C 209 -1.51 34.63 1.41
N ASP C 210 -1.29 35.34 0.31
CA ASP C 210 -0.40 34.88 -0.74
C ASP C 210 1.04 35.12 -0.32
N SER C 211 1.76 34.05 0.04
CA SER C 211 3.16 34.19 0.44
C SER C 211 4.08 33.14 -0.17
N GLY C 212 3.56 32.20 -0.95
CA GLY C 212 4.38 31.32 -1.75
C GLY C 212 5.19 30.27 -1.01
N ILE C 213 4.51 29.28 -0.43
CA ILE C 213 5.16 28.08 0.07
C ILE C 213 4.42 26.87 -0.48
N ASP C 214 3.15 27.08 -0.87
CA ASP C 214 2.29 25.97 -1.24
C ASP C 214 2.77 25.30 -2.52
N ARG C 215 2.81 26.04 -3.63
CA ARG C 215 3.25 25.46 -4.90
C ARG C 215 4.74 25.21 -4.92
N ILE C 216 5.51 25.94 -4.12
CA ILE C 216 6.95 25.67 -4.02
C ILE C 216 7.16 24.32 -3.35
N PHE C 217 8.11 23.54 -3.87
CA PHE C 217 8.38 22.20 -3.38
C PHE C 217 9.06 22.31 -2.00
N LEU C 218 8.22 22.52 -0.98
CA LEU C 218 8.68 22.69 0.39
C LEU C 218 7.94 21.71 1.29
N VAL C 219 8.60 21.35 2.39
CA VAL C 219 8.07 20.30 3.26
C VAL C 219 6.66 20.62 3.74
N SER C 220 6.52 21.72 4.49
CA SER C 220 5.25 22.09 5.09
C SER C 220 4.74 23.38 4.45
N PRO C 221 3.81 23.28 3.51
CA PRO C 221 3.21 24.49 2.93
C PRO C 221 2.27 25.17 3.91
N ILE C 222 2.69 26.29 4.49
CA ILE C 222 1.89 26.98 5.50
C ILE C 222 1.12 28.11 4.84
N THR C 223 1.69 28.69 3.79
CA THR C 223 1.09 29.82 3.10
C THR C 223 0.17 29.31 2.00
N ILE C 224 -0.25 30.21 1.11
CA ILE C 224 -1.03 29.85 -0.05
C ILE C 224 -0.31 30.43 -1.28
N VAL C 225 -0.61 29.87 -2.44
CA VAL C 225 0.00 30.36 -3.67
C VAL C 225 -0.44 31.79 -3.92
N HIS C 226 0.33 32.49 -4.75
CA HIS C 226 0.13 33.90 -5.00
C HIS C 226 -0.93 34.11 -6.09
N GLU C 227 -1.97 34.87 -5.76
CA GLU C 227 -2.98 35.29 -6.72
C GLU C 227 -3.06 36.82 -6.65
N ILE C 228 -2.57 37.48 -7.69
CA ILE C 228 -2.52 38.93 -7.73
C ILE C 228 -3.93 39.49 -7.84
N ASP C 229 -4.08 40.80 -7.67
CA ASP C 229 -5.38 41.46 -7.71
C ASP C 229 -6.02 41.34 -9.09
N GLU C 230 -7.20 41.93 -9.24
CA GLU C 230 -8.13 41.81 -10.37
C GLU C 230 -8.90 40.50 -10.32
N ASP C 231 -8.61 39.63 -9.33
CA ASP C 231 -9.42 38.46 -9.07
C ASP C 231 -10.22 38.57 -7.78
N SER C 232 -9.80 39.44 -6.85
CA SER C 232 -10.46 39.72 -5.60
C SER C 232 -11.03 41.13 -5.61
N PRO C 233 -12.15 41.37 -4.93
CA PRO C 233 -12.78 42.70 -4.95
C PRO C 233 -12.05 43.73 -4.10
N LEU C 234 -10.80 43.44 -3.72
CA LEU C 234 -10.03 44.31 -2.85
C LEU C 234 -9.16 45.32 -3.61
N TYR C 235 -9.58 45.72 -4.81
CA TYR C 235 -8.90 46.80 -5.54
C TYR C 235 -8.81 48.02 -4.64
N ASP C 236 -9.98 48.57 -4.31
CA ASP C 236 -10.11 49.62 -3.31
C ASP C 236 -11.21 49.21 -2.35
N LEU C 237 -11.04 49.55 -1.07
CA LEU C 237 -11.95 49.18 0.00
C LEU C 237 -11.92 47.68 0.25
N SER C 238 -11.62 47.29 1.48
CA SER C 238 -11.50 45.87 1.82
C SER C 238 -11.96 45.70 3.27
N LYS C 239 -11.58 44.58 3.87
CA LYS C 239 -11.96 44.22 5.24
C LYS C 239 -13.46 44.02 5.35
N GLN C 240 -14.18 45.05 5.79
CA GLN C 240 -15.58 44.87 6.18
C GLN C 240 -16.52 44.81 4.98
N ASP C 241 -16.19 45.50 3.88
CA ASP C 241 -17.07 45.45 2.72
C ASP C 241 -17.20 44.04 2.16
N ILE C 242 -16.12 43.27 2.20
CA ILE C 242 -16.17 41.87 1.79
C ILE C 242 -16.49 40.95 2.97
N ASP C 243 -16.25 41.39 4.21
CA ASP C 243 -16.60 40.57 5.36
C ASP C 243 -18.11 40.45 5.51
N ASN C 244 -18.84 41.53 5.26
CA ASN C 244 -20.29 41.49 5.38
C ASN C 244 -20.93 40.75 4.21
N ALA C 245 -20.42 40.95 3.00
CA ALA C 245 -20.96 40.32 1.81
C ALA C 245 -20.18 39.03 1.54
N ASP C 246 -20.75 37.90 1.93
CA ASP C 246 -20.09 36.61 1.76
C ASP C 246 -21.13 35.50 1.85
N PHE C 247 -20.89 34.43 1.10
CA PHE C 247 -21.76 33.26 1.13
C PHE C 247 -21.04 32.03 1.68
N GLU C 248 -19.94 31.61 1.04
CA GLU C 248 -19.20 30.44 1.48
C GLU C 248 -17.75 30.58 1.03
N ILE C 249 -16.84 30.63 2.00
CA ILE C 249 -15.41 30.73 1.73
C ILE C 249 -14.73 29.53 2.37
N VAL C 250 -15.42 28.38 2.33
CA VAL C 250 -14.92 27.13 2.88
C VAL C 250 -13.51 26.87 2.35
N VAL C 251 -12.55 26.72 3.27
CA VAL C 251 -11.15 26.53 2.91
C VAL C 251 -10.79 25.06 3.10
N ILE C 252 -10.38 24.41 2.01
CA ILE C 252 -10.01 23.00 2.05
C ILE C 252 -8.64 22.81 1.40
N LEU C 253 -7.73 22.18 2.12
CA LEU C 253 -6.42 21.83 1.62
C LEU C 253 -6.47 20.42 1.04
N GLU C 254 -5.50 20.10 0.19
CA GLU C 254 -5.53 18.83 -0.53
C GLU C 254 -4.13 18.23 -0.59
N GLY C 255 -4.08 16.90 -0.66
CA GLY C 255 -2.87 16.18 -0.97
C GLY C 255 -1.79 16.15 0.09
N MET C 256 -2.02 15.46 1.20
CA MET C 256 -0.99 15.32 2.24
C MET C 256 -0.46 13.91 2.35
N VAL C 257 -1.35 12.93 2.44
CA VAL C 257 -0.96 11.57 2.82
C VAL C 257 -0.53 10.82 1.56
N GLU C 258 0.71 11.03 1.15
CA GLU C 258 1.35 10.32 0.05
C GLU C 258 0.53 10.37 -1.26
N ALA C 259 -0.51 11.20 -1.28
CA ALA C 259 -1.37 11.29 -2.46
C ALA C 259 -2.39 12.40 -2.31
N THR C 260 -2.86 12.92 -3.44
CA THR C 260 -3.81 14.01 -3.45
C THR C 260 -5.25 13.54 -3.32
N ALA C 261 -5.48 12.22 -3.27
CA ALA C 261 -6.84 11.70 -3.36
C ALA C 261 -7.47 11.44 -1.99
N MET C 262 -6.82 10.64 -1.13
CA MET C 262 -7.39 10.41 0.20
C MET C 262 -7.34 11.69 1.02
N THR C 263 -6.17 12.35 1.04
CA THR C 263 -5.93 13.67 1.64
C THR C 263 -6.78 13.97 2.88
N THR C 264 -7.30 15.19 2.99
CA THR C 264 -8.31 15.52 3.98
C THR C 264 -9.19 16.65 3.44
N GLN C 265 -10.50 16.47 3.51
CA GLN C 265 -11.43 17.47 3.00
C GLN C 265 -12.32 18.04 4.09
N CYS C 266 -11.73 18.40 5.23
CA CYS C 266 -12.48 19.08 6.29
C CYS C 266 -13.00 20.41 5.77
N HIS C 267 -14.22 20.77 6.18
CA HIS C 267 -14.84 21.98 5.65
C HIS C 267 -14.05 23.22 6.02
N SER C 268 -14.00 23.57 7.31
CA SER C 268 -13.36 24.80 7.75
C SER C 268 -13.90 25.98 6.97
N SER C 269 -15.17 26.33 7.21
CA SER C 269 -15.82 27.37 6.41
C SER C 269 -15.04 28.69 6.46
N TYR C 270 -14.78 29.19 7.66
CA TYR C 270 -14.01 30.42 7.86
C TYR C 270 -14.54 31.55 6.98
N LEU C 271 -15.86 31.69 6.95
CA LEU C 271 -16.47 32.68 6.08
C LEU C 271 -16.08 34.09 6.50
N ALA C 272 -16.22 35.03 5.55
CA ALA C 272 -15.76 36.39 5.78
C ALA C 272 -16.48 37.05 6.95
N ASN C 273 -17.63 36.53 7.36
CA ASN C 273 -18.29 37.04 8.55
C ASN C 273 -17.43 36.79 9.79
N GLU C 274 -16.77 35.63 9.87
CA GLU C 274 -15.87 35.32 10.97
C GLU C 274 -14.41 35.59 10.60
N ILE C 275 -14.18 36.60 9.78
CA ILE C 275 -12.83 37.09 9.50
C ILE C 275 -12.78 38.55 9.94
N LEU C 276 -13.49 38.84 11.03
CA LEU C 276 -13.71 40.21 11.49
C LEU C 276 -12.48 40.74 12.23
N TRP C 277 -11.75 41.63 11.56
CA TRP C 277 -10.80 42.56 12.17
C TRP C 277 -9.65 41.88 12.93
N GLY C 278 -9.47 40.57 12.81
CA GLY C 278 -8.29 39.99 13.41
C GLY C 278 -8.46 39.63 14.87
N HIS C 279 -8.09 40.57 15.74
CA HIS C 279 -8.30 40.50 17.19
C HIS C 279 -7.68 39.25 17.82
N ARG C 280 -6.46 38.91 17.39
CA ARG C 280 -5.64 37.89 18.05
C ARG C 280 -4.20 38.40 18.05
N TYR C 281 -3.85 39.21 19.06
CA TYR C 281 -2.54 39.85 19.08
C TYR C 281 -1.44 38.82 19.30
N GLU C 282 -1.26 38.41 20.54
CA GLU C 282 -0.50 37.24 20.96
C GLU C 282 -0.67 37.08 22.46
N PRO C 283 -1.14 35.93 22.95
CA PRO C 283 -1.06 35.67 24.39
C PRO C 283 0.29 35.17 24.85
N VAL C 284 1.27 35.04 23.95
CA VAL C 284 2.61 34.62 24.35
C VAL C 284 3.28 35.74 25.15
N LEU C 285 4.12 35.35 26.11
CA LEU C 285 4.86 36.33 26.90
C LEU C 285 6.16 36.77 26.23
N PHE C 286 6.63 36.05 25.22
CA PHE C 286 7.86 36.38 24.50
C PHE C 286 7.62 36.79 23.06
N GLU C 287 6.72 36.10 22.36
CA GLU C 287 6.27 36.39 21.01
C GLU C 287 7.29 36.09 19.92
N GLU C 288 8.55 35.78 20.28
CA GLU C 288 9.50 35.42 19.22
C GLU C 288 10.47 34.28 19.54
N LYS C 289 10.83 34.00 20.79
CA LYS C 289 11.99 33.14 21.01
C LYS C 289 11.74 31.63 21.01
N HIS C 290 11.14 31.10 22.07
CA HIS C 290 11.12 29.66 22.29
C HIS C 290 10.23 29.34 23.48
N TYR C 291 9.25 28.45 23.36
CA TYR C 291 8.20 28.41 24.37
C TYR C 291 8.10 27.12 25.16
N TYR C 292 7.77 25.97 24.55
CA TYR C 292 7.17 24.91 25.36
C TYR C 292 8.08 23.71 25.61
N LYS C 293 8.62 23.07 24.58
CA LYS C 293 9.26 21.75 24.69
C LYS C 293 8.31 20.67 25.17
N VAL C 294 7.03 20.98 25.37
CA VAL C 294 6.06 20.01 25.87
C VAL C 294 4.86 19.83 24.94
N ASP C 295 4.08 20.88 24.69
CA ASP C 295 2.83 20.73 23.95
C ASP C 295 2.23 22.11 23.68
N TYR C 296 1.20 22.12 22.83
CA TYR C 296 0.45 23.33 22.53
C TYR C 296 -0.50 23.67 23.67
N SER C 297 -0.91 24.94 23.75
CA SER C 297 -1.81 25.39 24.80
C SER C 297 -3.11 25.99 24.26
N ARG C 298 -3.03 27.01 23.40
CA ARG C 298 -4.20 27.83 23.06
C ARG C 298 -4.60 27.74 21.59
N PHE C 299 -3.96 26.86 20.82
CA PHE C 299 -4.34 26.58 19.44
C PHE C 299 -4.09 27.74 18.48
N HIS C 300 -5.08 28.60 18.27
CA HIS C 300 -5.16 29.39 17.05
C HIS C 300 -4.78 30.86 17.17
N LYS C 301 -4.85 31.45 18.36
CA LYS C 301 -4.81 32.91 18.49
C LYS C 301 -3.54 33.48 17.85
N THR C 302 -3.72 34.21 16.75
CA THR C 302 -2.60 34.76 15.99
C THR C 302 -3.14 35.82 15.02
N TYR C 303 -2.32 36.85 14.75
CA TYR C 303 -2.53 37.81 13.67
C TYR C 303 -3.68 38.79 13.88
N GLU C 304 -3.67 39.53 14.98
CA GLU C 304 -4.64 40.60 15.18
C GLU C 304 -4.52 41.65 14.09
N VAL C 305 -5.57 42.46 13.97
CA VAL C 305 -5.51 43.71 13.21
C VAL C 305 -6.67 44.61 13.64
N PRO C 306 -6.69 45.11 14.89
CA PRO C 306 -7.70 46.10 15.27
C PRO C 306 -7.27 47.51 14.92
N ASN C 307 -6.70 47.68 13.73
CA ASN C 307 -6.21 48.97 13.27
C ASN C 307 -6.83 49.41 11.96
N THR C 308 -7.06 48.48 11.05
CA THR C 308 -7.72 48.82 9.79
C THR C 308 -9.21 49.01 10.04
N PRO C 309 -9.77 50.18 9.75
CA PRO C 309 -11.19 50.42 10.02
C PRO C 309 -12.11 49.73 9.03
N LEU C 310 -13.40 50.08 9.09
CA LEU C 310 -14.37 49.54 8.14
C LEU C 310 -13.90 49.71 6.70
N CYS C 311 -13.32 50.86 6.39
CA CYS C 311 -12.77 51.13 5.07
C CYS C 311 -11.28 50.82 5.07
N SER C 312 -10.83 50.05 4.07
CA SER C 312 -9.43 49.66 4.00
C SER C 312 -9.07 49.41 2.55
N ALA C 313 -8.38 50.36 1.92
CA ALA C 313 -7.90 50.18 0.56
C ALA C 313 -6.66 49.28 0.57
N ARG C 314 -6.56 48.42 -0.44
CA ARG C 314 -5.46 47.48 -0.54
C ARG C 314 -4.50 47.82 -1.68
N ASP C 315 -5.01 47.96 -2.91
CA ASP C 315 -4.16 48.18 -4.07
C ASP C 315 -4.39 49.54 -4.71
N LEU C 316 -5.65 49.93 -4.92
CA LEU C 316 -5.93 51.22 -5.55
C LEU C 316 -5.46 52.38 -4.68
N ALA C 317 -5.68 52.28 -3.37
CA ALA C 317 -5.28 53.30 -2.41
C ALA C 317 -5.84 54.67 -2.78
N ARG D 1 -9.69 -4.46 -33.40
CA ARG D 1 -10.32 -3.49 -32.51
C ARG D 1 -10.80 -4.16 -31.23
N PHE D 2 -9.90 -4.28 -30.26
CA PHE D 2 -10.22 -4.92 -28.99
C PHE D 2 -9.41 -4.23 -27.89
N VAL D 3 -9.36 -4.86 -26.72
CA VAL D 3 -8.56 -4.38 -25.60
C VAL D 3 -7.60 -5.44 -25.08
N LYS D 4 -8.06 -6.68 -24.95
CA LYS D 4 -7.23 -7.76 -24.45
C LYS D 4 -6.24 -8.28 -25.48
N LYS D 5 -6.61 -8.24 -26.76
CA LYS D 5 -5.88 -8.94 -27.81
C LYS D 5 -5.39 -7.98 -28.89
N ASP D 6 -4.90 -6.81 -28.49
CA ASP D 6 -4.38 -5.83 -29.42
C ASP D 6 -2.87 -5.68 -29.23
N GLY D 7 -2.26 -4.81 -30.04
CA GLY D 7 -0.82 -4.66 -30.05
C GLY D 7 -0.16 -5.69 -30.95
N HIS D 8 -0.66 -5.80 -32.17
CA HIS D 8 -0.27 -6.86 -33.10
C HIS D 8 1.03 -6.49 -33.81
N CYS D 9 2.09 -7.24 -33.54
CA CYS D 9 3.42 -6.86 -34.01
C CYS D 9 4.30 -7.99 -34.52
N ASN D 10 3.97 -9.26 -34.32
CA ASN D 10 4.99 -10.31 -34.45
C ASN D 10 4.42 -11.63 -34.95
N VAL D 11 4.84 -12.06 -36.15
CA VAL D 11 4.78 -13.45 -36.60
C VAL D 11 6.03 -13.75 -37.40
N GLN D 12 6.20 -15.03 -37.74
CA GLN D 12 7.19 -15.46 -38.72
C GLN D 12 6.55 -16.16 -39.91
N PHE D 13 5.74 -17.19 -39.67
CA PHE D 13 4.92 -17.80 -40.71
C PHE D 13 3.58 -18.26 -40.16
N ILE D 14 3.27 -17.94 -38.90
CA ILE D 14 2.07 -18.41 -38.23
C ILE D 14 0.86 -17.58 -38.62
N ASN D 15 1.02 -16.26 -38.66
CA ASN D 15 -0.07 -15.33 -38.98
C ASN D 15 -1.26 -15.52 -38.05
N ALA D 25 5.87 -27.33 -8.71
CA ALA D 25 5.08 -26.63 -9.72
C ALA D 25 4.74 -25.23 -9.26
N ASP D 26 4.70 -24.29 -10.22
CA ASP D 26 4.41 -22.89 -9.95
C ASP D 26 3.07 -22.53 -10.59
N ILE D 27 2.09 -22.19 -9.78
CA ILE D 27 0.80 -21.75 -10.28
C ILE D 27 0.63 -20.27 -9.96
N PHE D 28 0.53 -19.96 -8.66
CA PHE D 28 0.63 -18.61 -8.11
C PHE D 28 0.09 -17.50 -9.01
N THR D 29 0.98 -16.59 -9.39
CA THR D 29 0.76 -15.52 -10.36
C THR D 29 -0.53 -14.77 -10.00
N THR D 30 -1.21 -14.24 -11.02
CA THR D 30 -2.50 -13.61 -10.81
C THR D 30 -3.63 -14.64 -10.79
N CYS D 31 -3.37 -15.86 -11.25
CA CYS D 31 -4.42 -16.87 -11.31
C CYS D 31 -4.84 -17.35 -9.93
N VAL D 32 -4.09 -17.04 -8.89
CA VAL D 32 -4.57 -17.29 -7.52
C VAL D 32 -5.45 -16.12 -7.09
N ASP D 33 -6.75 -16.25 -7.35
CA ASP D 33 -7.72 -15.21 -6.99
C ASP D 33 -9.06 -15.87 -6.72
N ILE D 34 -10.12 -15.08 -6.66
CA ILE D 34 -11.47 -15.57 -6.38
C ILE D 34 -12.43 -14.99 -7.40
N ARG D 35 -13.51 -15.72 -7.69
CA ARG D 35 -14.54 -15.29 -8.61
C ARG D 35 -15.91 -15.36 -7.96
N TRP D 36 -16.04 -14.80 -6.77
CA TRP D 36 -17.26 -14.83 -5.97
C TRP D 36 -17.63 -16.28 -5.64
N ARG D 37 -18.55 -16.86 -6.40
CA ARG D 37 -18.93 -18.26 -6.17
C ARG D 37 -18.07 -19.20 -7.01
N TRP D 38 -16.76 -18.99 -6.98
CA TRP D 38 -15.82 -19.79 -7.74
C TRP D 38 -14.44 -19.62 -7.12
N MET D 39 -13.49 -20.42 -7.61
CA MET D 39 -12.06 -20.37 -7.31
C MET D 39 -11.72 -20.80 -5.89
N LEU D 40 -12.70 -21.10 -5.04
CA LEU D 40 -12.43 -21.80 -3.79
C LEU D 40 -12.38 -23.31 -3.99
N VAL D 41 -12.83 -23.79 -5.14
CA VAL D 41 -12.79 -25.22 -5.44
C VAL D 41 -11.36 -25.69 -5.55
N ILE D 42 -10.46 -24.87 -6.11
CA ILE D 42 -9.06 -25.26 -6.20
C ILE D 42 -8.46 -25.41 -4.80
N PHE D 43 -8.81 -24.48 -3.89
CA PHE D 43 -8.32 -24.58 -2.52
C PHE D 43 -8.84 -25.83 -1.84
N CYS D 44 -10.13 -26.11 -1.99
CA CYS D 44 -10.71 -27.26 -1.31
C CYS D 44 -10.16 -28.56 -1.88
N LEU D 45 -9.88 -28.61 -3.19
CA LEU D 45 -9.34 -29.83 -3.76
C LEU D 45 -7.88 -30.03 -3.35
N ALA D 46 -7.10 -28.95 -3.25
CA ALA D 46 -5.77 -29.08 -2.68
C ALA D 46 -5.84 -29.61 -1.26
N PHE D 47 -6.79 -29.09 -0.48
CA PHE D 47 -7.01 -29.58 0.87
C PHE D 47 -7.28 -31.08 0.88
N VAL D 48 -8.25 -31.52 0.09
CA VAL D 48 -8.66 -32.92 0.14
C VAL D 48 -7.55 -33.83 -0.37
N LEU D 49 -6.80 -33.40 -1.38
CA LEU D 49 -5.68 -34.22 -1.84
C LEU D 49 -4.61 -34.36 -0.77
N SER D 50 -4.28 -33.26 -0.07
CA SER D 50 -3.34 -33.39 1.05
C SER D 50 -3.88 -34.33 2.12
N TRP D 51 -5.17 -34.20 2.43
CA TRP D 51 -5.78 -35.02 3.47
C TRP D 51 -5.75 -36.50 3.10
N LEU D 52 -6.05 -36.82 1.83
CA LEU D 52 -6.02 -38.19 1.37
C LEU D 52 -4.60 -38.73 1.33
N PHE D 53 -3.62 -37.89 0.99
CA PHE D 53 -2.23 -38.34 1.05
C PHE D 53 -1.84 -38.72 2.47
N PHE D 54 -2.18 -37.87 3.43
CA PHE D 54 -1.90 -38.19 4.83
C PHE D 54 -2.61 -39.47 5.25
N GLY D 55 -3.88 -39.63 4.84
CA GLY D 55 -4.64 -40.80 5.23
C GLY D 55 -4.08 -42.09 4.65
N CYS D 56 -3.66 -42.07 3.38
CA CYS D 56 -3.13 -43.28 2.77
C CYS D 56 -1.77 -43.63 3.37
N VAL D 57 -0.93 -42.63 3.66
CA VAL D 57 0.31 -42.91 4.38
C VAL D 57 0.00 -43.54 5.73
N PHE D 58 -1.02 -43.01 6.42
CA PHE D 58 -1.38 -43.55 7.72
C PHE D 58 -1.85 -45.00 7.62
N TRP D 59 -2.66 -45.30 6.61
CA TRP D 59 -3.13 -46.68 6.45
C TRP D 59 -1.98 -47.63 6.13
N LEU D 60 -1.10 -47.24 5.23
CA LEU D 60 0.03 -48.12 4.88
C LEU D 60 0.92 -48.36 6.09
N ILE D 61 1.22 -47.29 6.84
CA ILE D 61 2.07 -47.48 8.02
C ILE D 61 1.36 -48.28 9.09
N ALA D 62 0.04 -48.11 9.25
CA ALA D 62 -0.71 -48.93 10.19
C ALA D 62 -0.66 -50.40 9.79
N LEU D 63 -0.59 -50.66 8.48
CA LEU D 63 -0.33 -52.02 8.03
C LEU D 63 1.08 -52.46 8.38
N LEU D 64 2.03 -51.52 8.46
CA LEU D 64 3.42 -51.87 8.72
C LEU D 64 3.99 -51.23 9.99
N HIS D 65 3.13 -50.81 10.91
CA HIS D 65 3.62 -50.17 12.13
C HIS D 65 4.15 -51.21 13.11
N GLY D 66 4.81 -50.72 14.17
CA GLY D 66 5.32 -51.61 15.19
C GLY D 66 4.22 -52.38 15.91
N ASP D 67 3.13 -51.69 16.23
CA ASP D 67 1.95 -52.35 16.79
C ASP D 67 1.10 -53.02 15.72
N LEU D 68 1.43 -52.82 14.45
CA LEU D 68 0.79 -53.50 13.32
C LEU D 68 -0.69 -53.14 13.24
N ASP D 69 -1.42 -53.82 12.36
CA ASP D 69 -2.85 -53.56 12.20
C ASP D 69 -3.63 -54.11 13.38
N ALA D 70 -4.56 -53.30 13.91
CA ALA D 70 -5.46 -53.71 14.98
C ALA D 70 -4.73 -54.11 16.25
N SER D 71 -3.51 -53.56 16.44
CA SER D 71 -2.75 -53.72 17.69
C SER D 71 -2.52 -55.21 18.00
N LYS D 72 -1.76 -55.85 17.11
CA LYS D 72 -1.42 -57.26 17.31
C LYS D 72 -0.41 -57.45 18.43
N GLU D 73 0.26 -56.39 18.88
CA GLU D 73 1.27 -56.48 19.92
C GLU D 73 0.74 -56.17 21.31
N GLY D 74 -0.44 -55.55 21.42
CA GLY D 74 -0.94 -55.14 22.72
C GLY D 74 -0.27 -53.86 23.18
N LYS D 75 -1.01 -52.98 23.85
CA LYS D 75 -0.54 -51.66 24.23
C LYS D 75 -0.02 -50.91 23.00
N ALA D 76 -0.98 -50.63 22.11
CA ALA D 76 -0.66 -50.15 20.77
C ALA D 76 0.14 -48.85 20.81
N CYS D 77 1.11 -48.75 19.89
CA CYS D 77 1.83 -47.49 19.72
C CYS D 77 0.90 -46.39 19.24
N VAL D 78 -0.21 -46.77 18.61
CA VAL D 78 -1.22 -45.84 18.11
C VAL D 78 -2.49 -46.62 17.84
N SER D 79 -3.63 -45.99 18.11
CA SER D 79 -4.92 -46.62 17.85
C SER D 79 -5.08 -46.83 16.36
N GLU D 80 -4.98 -48.09 15.92
CA GLU D 80 -5.01 -48.39 14.50
C GLU D 80 -6.40 -48.13 13.93
N VAL D 81 -6.44 -47.68 12.67
CA VAL D 81 -7.71 -47.34 12.04
C VAL D 81 -8.45 -48.61 11.63
N ASN D 82 -9.76 -48.47 11.46
CA ASN D 82 -10.57 -49.60 11.03
C ASN D 82 -10.19 -50.06 9.63
N SER D 83 -9.98 -49.12 8.71
CA SER D 83 -9.69 -49.46 7.33
C SER D 83 -8.99 -48.26 6.67
N PHE D 84 -8.92 -48.31 5.33
CA PHE D 84 -8.29 -47.24 4.56
C PHE D 84 -9.08 -45.95 4.67
N THR D 85 -10.42 -46.04 4.57
CA THR D 85 -11.26 -44.87 4.79
C THR D 85 -11.14 -44.37 6.22
N ALA D 86 -11.03 -45.29 7.18
CA ALA D 86 -10.81 -44.89 8.57
C ALA D 86 -9.49 -44.16 8.72
N ALA D 87 -8.48 -44.53 7.93
CA ALA D 87 -7.22 -43.80 7.96
C ALA D 87 -7.37 -42.42 7.35
N PHE D 88 -8.16 -42.30 6.28
CA PHE D 88 -8.49 -40.99 5.74
C PHE D 88 -9.10 -40.09 6.82
N LEU D 89 -10.09 -40.64 7.54
CA LEU D 89 -10.74 -39.87 8.60
C LEU D 89 -9.78 -39.57 9.74
N PHE D 90 -8.88 -40.50 10.04
CA PHE D 90 -7.85 -40.25 11.04
C PHE D 90 -7.00 -39.04 10.66
N SER D 91 -6.56 -39.01 9.40
CA SER D 91 -5.77 -37.89 8.92
C SER D 91 -6.54 -36.59 9.06
N ILE D 92 -7.77 -36.56 8.56
CA ILE D 92 -8.57 -35.34 8.61
C ILE D 92 -8.78 -34.89 10.05
N GLU D 93 -9.13 -35.84 10.92
CA GLU D 93 -9.29 -35.56 12.34
C GLU D 93 -8.05 -34.88 12.92
N THR D 94 -6.89 -35.48 12.69
CA THR D 94 -5.66 -34.96 13.30
C THR D 94 -5.33 -33.57 12.78
N GLN D 95 -5.30 -33.39 11.46
CA GLN D 95 -4.83 -32.13 10.90
C GLN D 95 -5.81 -31.00 11.14
N THR D 96 -7.11 -31.27 11.08
CA THR D 96 -8.12 -30.23 11.27
C THR D 96 -8.22 -29.78 12.73
N THR D 97 -7.32 -30.26 13.59
CA THR D 97 -7.24 -29.83 14.98
C THR D 97 -8.57 -30.07 15.71
N ILE D 98 -9.04 -31.30 15.60
CA ILE D 98 -10.25 -31.75 16.30
C ILE D 98 -9.90 -32.66 17.48
N GLY D 99 -9.20 -33.76 17.21
CA GLY D 99 -8.52 -34.50 18.26
C GLY D 99 -9.39 -35.22 19.27
N TYR D 100 -10.06 -36.29 18.84
CA TYR D 100 -10.85 -37.09 19.78
C TYR D 100 -9.94 -37.82 20.77
N GLY D 101 -9.08 -38.69 20.26
CA GLY D 101 -8.16 -39.41 21.10
C GLY D 101 -8.44 -40.90 21.17
N PHE D 102 -9.71 -41.28 21.19
CA PHE D 102 -10.07 -42.70 21.27
C PHE D 102 -9.58 -43.45 20.05
N ARG D 103 -9.71 -42.85 18.86
CA ARG D 103 -9.16 -43.43 17.65
C ARG D 103 -7.78 -42.89 17.31
N CYS D 104 -7.29 -41.91 18.07
CA CYS D 104 -6.04 -41.25 17.74
C CYS D 104 -4.84 -41.89 18.41
N VAL D 105 -3.71 -41.18 18.40
CA VAL D 105 -2.46 -41.76 18.86
C VAL D 105 -2.57 -42.17 20.33
N THR D 106 -1.77 -43.18 20.69
CA THR D 106 -1.72 -43.69 22.05
C THR D 106 -0.32 -43.46 22.62
N ASP D 107 0.00 -44.13 23.73
CA ASP D 107 1.32 -44.01 24.37
C ASP D 107 2.43 -43.98 23.33
N GLU D 108 3.40 -43.10 23.57
CA GLU D 108 4.39 -42.76 22.56
C GLU D 108 5.20 -43.98 22.13
N CYS D 109 5.56 -44.00 20.85
CA CYS D 109 6.31 -45.07 20.22
C CYS D 109 7.29 -44.44 19.23
N PRO D 110 8.55 -44.90 19.17
CA PRO D 110 9.57 -44.20 18.37
C PRO D 110 9.11 -43.83 16.97
N ILE D 111 8.72 -44.82 16.17
CA ILE D 111 8.22 -44.53 14.83
C ILE D 111 6.94 -43.71 14.92
N ALA D 112 6.08 -44.01 15.90
CA ALA D 112 4.87 -43.22 16.09
C ALA D 112 5.22 -41.78 16.47
N VAL D 113 6.25 -41.60 17.31
CA VAL D 113 6.69 -40.24 17.66
C VAL D 113 7.15 -39.50 16.41
N PHE D 114 7.98 -40.15 15.59
CA PHE D 114 8.45 -39.48 14.38
C PHE D 114 7.29 -39.09 13.49
N MET D 115 6.38 -40.01 13.21
CA MET D 115 5.28 -39.69 12.29
C MET D 115 4.42 -38.58 12.86
N VAL D 116 4.12 -38.62 14.16
CA VAL D 116 3.21 -37.63 14.72
C VAL D 116 3.86 -36.25 14.74
N VAL D 117 5.18 -36.17 14.95
CA VAL D 117 5.79 -34.85 14.90
C VAL D 117 5.80 -34.32 13.46
N PHE D 118 6.06 -35.20 12.47
CA PHE D 118 5.92 -34.70 11.10
C PHE D 118 4.47 -34.33 10.78
N GLN D 119 3.50 -34.99 11.40
CA GLN D 119 2.10 -34.63 11.18
C GLN D 119 1.79 -33.26 11.79
N SER D 120 2.35 -32.98 12.96
CA SER D 120 2.22 -31.64 13.52
C SER D 120 2.84 -30.60 12.60
N ILE D 121 3.98 -30.94 11.99
CA ILE D 121 4.60 -30.03 11.03
C ILE D 121 3.68 -29.80 9.84
N VAL D 122 3.16 -30.87 9.25
CA VAL D 122 2.31 -30.70 8.08
C VAL D 122 1.04 -29.95 8.45
N GLY D 123 0.56 -30.12 9.68
CA GLY D 123 -0.60 -29.36 10.12
C GLY D 123 -0.32 -27.88 10.22
N CYS D 124 0.81 -27.50 10.83
CA CYS D 124 1.07 -26.07 10.98
C CYS D 124 1.33 -25.41 9.63
N ILE D 125 2.12 -26.05 8.77
CA ILE D 125 2.31 -25.45 7.44
C ILE D 125 1.05 -25.50 6.59
N ILE D 126 0.16 -26.49 6.79
CA ILE D 126 -1.07 -26.42 6.01
C ILE D 126 -1.94 -25.28 6.52
N ASP D 127 -1.98 -25.06 7.83
CA ASP D 127 -2.66 -23.87 8.34
C ASP D 127 -2.05 -22.61 7.74
N ALA D 128 -0.74 -22.61 7.53
CA ALA D 128 -0.11 -21.52 6.80
C ALA D 128 -0.66 -21.44 5.38
N PHE D 129 -0.90 -22.58 4.75
CA PHE D 129 -1.46 -22.55 3.40
C PHE D 129 -2.82 -21.88 3.41
N ILE D 130 -3.65 -22.19 4.40
CA ILE D 130 -4.93 -21.50 4.52
C ILE D 130 -4.73 -20.01 4.77
N ILE D 131 -3.84 -19.66 5.69
CA ILE D 131 -3.64 -18.23 5.96
C ILE D 131 -3.14 -17.54 4.71
N GLY D 132 -2.58 -18.28 3.77
CA GLY D 132 -2.28 -17.73 2.47
C GLY D 132 -3.53 -17.51 1.66
N ALA D 133 -4.67 -17.39 2.34
CA ALA D 133 -5.91 -17.06 1.66
C ALA D 133 -5.78 -15.71 0.96
N VAL D 134 -6.45 -15.59 -0.17
CA VAL D 134 -6.46 -14.34 -0.92
C VAL D 134 -7.20 -13.28 -0.12
N MET D 135 -6.86 -12.01 -0.36
CA MET D 135 -7.53 -10.89 0.28
C MET D 135 -8.19 -10.01 -0.77
N ALA D 136 -9.04 -10.58 -1.61
CA ALA D 136 -9.70 -9.80 -2.65
C ALA D 136 -10.74 -8.91 -1.96
N LYS D 137 -10.29 -7.76 -1.47
CA LYS D 137 -10.99 -6.93 -0.51
C LYS D 137 -10.91 -5.47 -0.94
N MET D 138 -11.11 -4.56 0.02
CA MET D 138 -11.06 -3.12 -0.20
C MET D 138 -9.95 -2.72 -1.18
N ALA D 139 -8.80 -3.36 -1.08
CA ALA D 139 -7.69 -3.05 -1.98
C ALA D 139 -7.93 -3.59 -3.38
N LYS D 140 -8.47 -4.81 -3.49
CA LYS D 140 -8.65 -5.49 -4.77
C LYS D 140 -10.09 -5.96 -4.91
N PRO D 141 -11.02 -5.06 -5.21
CA PRO D 141 -12.43 -5.45 -5.36
C PRO D 141 -12.77 -5.84 -6.79
N LYS D 142 -13.85 -6.60 -6.92
CA LYS D 142 -14.37 -6.96 -8.23
C LYS D 142 -15.38 -5.96 -8.76
N LYS D 143 -16.00 -5.17 -7.87
CA LYS D 143 -16.94 -4.13 -8.26
C LYS D 143 -16.21 -2.80 -8.21
N ARG D 144 -15.82 -2.31 -9.38
CA ARG D 144 -15.05 -1.08 -9.50
C ARG D 144 -15.91 0.13 -9.13
N ASN D 145 -15.27 1.11 -8.48
CA ASN D 145 -15.93 2.38 -8.15
C ASN D 145 -16.03 3.23 -9.41
N GLU D 146 -16.91 2.81 -10.32
CA GLU D 146 -17.09 3.45 -11.61
C GLU D 146 -18.53 3.90 -11.78
N THR D 147 -19.07 4.53 -10.74
CA THR D 147 -20.46 4.99 -10.75
C THR D 147 -20.66 6.23 -11.62
N LEU D 148 -19.62 6.67 -12.32
CA LEU D 148 -19.68 7.83 -13.19
C LEU D 148 -20.28 7.42 -14.53
N VAL D 149 -21.51 7.83 -14.78
CA VAL D 149 -22.10 7.71 -16.11
C VAL D 149 -21.43 8.75 -17.01
N PHE D 150 -20.77 8.30 -18.07
CA PHE D 150 -19.98 9.22 -18.88
C PHE D 150 -20.87 9.97 -19.87
N SER D 151 -21.43 9.26 -20.83
CA SER D 151 -22.34 9.85 -21.81
C SER D 151 -22.92 8.74 -22.67
N HIS D 152 -23.66 9.14 -23.71
CA HIS D 152 -24.27 8.27 -24.70
C HIS D 152 -24.08 8.96 -26.05
N ASN D 153 -24.94 8.67 -27.02
CA ASN D 153 -24.86 9.34 -28.32
C ASN D 153 -24.54 10.81 -28.14
N ALA D 154 -23.38 11.23 -28.62
CA ALA D 154 -22.73 12.45 -28.15
C ALA D 154 -23.21 13.67 -28.93
N VAL D 155 -22.58 14.82 -28.66
CA VAL D 155 -23.01 16.11 -29.17
C VAL D 155 -21.80 16.84 -29.72
N ILE D 156 -22.06 17.83 -30.58
CA ILE D 156 -20.98 18.66 -31.11
C ILE D 156 -21.26 20.14 -30.83
N ALA D 157 -22.36 20.65 -31.38
CA ALA D 157 -22.73 22.06 -31.28
C ALA D 157 -21.67 22.96 -31.89
N MET D 158 -21.86 24.28 -31.80
CA MET D 158 -20.86 25.22 -32.26
C MET D 158 -19.70 25.35 -31.29
N ARG D 159 -19.84 24.84 -30.07
CA ARG D 159 -18.77 24.85 -29.08
C ARG D 159 -18.30 26.27 -28.79
N ASP D 160 -19.25 27.20 -28.75
CA ASP D 160 -18.99 28.63 -28.62
C ASP D 160 -18.06 29.15 -29.72
N GLY D 161 -18.06 28.48 -30.87
CA GLY D 161 -17.26 28.90 -32.01
C GLY D 161 -15.82 28.44 -31.97
N LYS D 162 -15.23 28.40 -30.79
CA LYS D 162 -13.80 28.12 -30.62
C LYS D 162 -13.58 26.97 -29.66
N LEU D 163 -14.31 25.87 -29.87
CA LEU D 163 -14.09 24.61 -29.15
C LEU D 163 -14.24 24.80 -27.64
N CYS D 164 -15.47 25.15 -27.24
CA CYS D 164 -15.77 25.43 -25.84
C CYS D 164 -17.02 24.65 -25.43
N LEU D 165 -16.84 23.57 -24.69
CA LEU D 165 -17.92 22.76 -24.13
C LEU D 165 -17.29 21.83 -23.10
N MET D 166 -18.07 20.86 -22.62
CA MET D 166 -17.55 19.87 -21.69
C MET D 166 -18.35 18.58 -21.83
N TRP D 167 -17.86 17.53 -21.18
CA TRP D 167 -18.53 16.23 -21.21
C TRP D 167 -19.35 16.01 -19.95
N ARG D 168 -20.42 15.22 -20.10
CA ARG D 168 -21.24 14.84 -18.96
C ARG D 168 -20.46 13.92 -18.02
N VAL D 169 -20.68 14.09 -16.72
CA VAL D 169 -20.14 13.18 -15.72
C VAL D 169 -21.23 12.93 -14.68
N GLY D 170 -21.46 11.65 -14.37
CA GLY D 170 -22.46 11.29 -13.38
C GLY D 170 -21.84 10.62 -12.17
N ASN D 171 -20.70 11.14 -11.72
CA ASN D 171 -19.96 10.53 -10.63
C ASN D 171 -20.77 10.52 -9.34
N LEU D 172 -20.82 9.36 -8.70
CA LEU D 172 -21.40 9.23 -7.36
C LEU D 172 -20.50 8.39 -6.47
N ARG D 173 -19.18 8.50 -6.65
CA ARG D 173 -18.21 7.70 -5.91
C ARG D 173 -18.12 8.22 -4.49
N LYS D 174 -19.22 8.11 -3.74
CA LYS D 174 -19.36 8.69 -2.41
C LYS D 174 -19.16 10.20 -2.45
N SER D 175 -19.42 10.82 -3.59
CA SER D 175 -19.28 12.26 -3.80
C SER D 175 -17.87 12.77 -3.52
N HIS D 176 -16.89 11.88 -3.48
CA HIS D 176 -15.50 12.26 -3.20
C HIS D 176 -14.59 11.37 -4.03
N LEU D 177 -13.30 11.38 -3.69
CA LEU D 177 -12.30 10.52 -4.31
C LEU D 177 -12.24 10.74 -5.82
N VAL D 178 -12.32 12.00 -6.24
CA VAL D 178 -12.34 12.35 -7.66
C VAL D 178 -11.16 13.27 -7.97
N GLU D 179 -10.29 12.82 -8.86
CA GLU D 179 -9.23 13.65 -9.44
C GLU D 179 -8.66 12.92 -10.66
N ALA D 180 -8.82 13.49 -11.85
CA ALA D 180 -8.50 12.75 -13.06
C ALA D 180 -7.69 13.61 -14.02
N HIS D 181 -7.32 13.01 -15.16
CA HIS D 181 -6.66 13.70 -16.25
C HIS D 181 -6.96 12.96 -17.55
N VAL D 182 -6.47 13.51 -18.66
CA VAL D 182 -6.79 12.92 -19.96
C VAL D 182 -5.79 11.83 -20.33
N ARG D 183 -4.49 12.15 -20.32
CA ARG D 183 -3.47 11.25 -20.83
C ARG D 183 -3.85 10.78 -22.23
N ALA D 184 -4.27 9.52 -22.34
CA ALA D 184 -4.85 8.96 -23.56
C ALA D 184 -3.90 9.01 -24.76
N GLN D 185 -4.40 8.56 -25.92
CA GLN D 185 -3.65 8.54 -27.16
C GLN D 185 -4.59 8.20 -28.30
N LEU D 186 -4.45 8.92 -29.42
CA LEU D 186 -5.20 8.62 -30.62
C LEU D 186 -4.47 7.57 -31.45
N LEU D 187 -5.12 7.08 -32.50
CA LEU D 187 -4.58 5.97 -33.29
C LEU D 187 -4.97 6.14 -34.75
N LYS D 188 -3.99 6.00 -35.64
CA LYS D 188 -4.20 5.97 -37.08
C LYS D 188 -2.89 5.57 -37.74
N SER D 189 -3.00 4.79 -38.81
CA SER D 189 -1.83 4.26 -39.51
C SER D 189 -1.24 5.35 -40.38
N ARG D 190 -0.19 6.00 -39.88
CA ARG D 190 0.53 7.03 -40.63
C ARG D 190 1.71 6.38 -41.36
N ILE D 191 2.58 7.21 -41.94
CA ILE D 191 3.76 6.73 -42.65
C ILE D 191 4.99 7.45 -42.11
N THR D 192 6.15 6.82 -42.27
CA THR D 192 7.40 7.36 -41.77
C THR D 192 8.54 6.84 -42.63
N SER D 193 9.58 7.67 -42.80
CA SER D 193 10.71 7.33 -43.64
C SER D 193 11.47 6.11 -43.12
N GLU D 194 11.45 5.04 -43.92
CA GLU D 194 12.31 3.87 -43.73
C GLU D 194 11.92 3.04 -42.50
N GLY D 195 11.01 3.55 -41.68
CA GLY D 195 10.54 2.82 -40.52
C GLY D 195 9.34 1.95 -40.85
N GLU D 196 8.75 1.39 -39.80
CA GLU D 196 7.51 0.62 -39.94
C GLU D 196 6.28 1.52 -40.02
N TYR D 197 6.49 2.80 -40.31
CA TYR D 197 5.44 3.79 -40.53
C TYR D 197 4.73 4.17 -39.24
N ILE D 198 5.02 3.45 -38.17
CA ILE D 198 4.48 3.73 -36.83
C ILE D 198 2.97 3.94 -36.91
N PRO D 199 2.19 2.87 -37.06
CA PRO D 199 0.73 3.04 -37.17
C PRO D 199 0.14 3.58 -35.88
N LEU D 200 0.41 4.86 -35.62
CA LEU D 200 -0.01 5.53 -34.40
C LEU D 200 0.05 7.03 -34.63
N ASP D 201 -0.96 7.74 -34.13
CA ASP D 201 -1.00 9.19 -34.30
C ASP D 201 0.14 9.87 -33.54
N GLN D 202 0.31 9.52 -32.26
CA GLN D 202 1.37 10.05 -31.41
C GLN D 202 1.14 11.51 -31.07
N ILE D 203 0.13 12.13 -31.71
CA ILE D 203 -0.15 13.54 -31.46
C ILE D 203 -0.80 13.71 -30.09
N ASP D 204 -1.74 12.82 -29.74
CA ASP D 204 -2.45 12.88 -28.46
C ASP D 204 -3.14 14.22 -28.26
N ILE D 205 -3.76 14.73 -29.32
CA ILE D 205 -4.48 16.00 -29.26
C ILE D 205 -5.84 15.75 -28.62
N ASN D 206 -6.12 16.46 -27.53
CA ASN D 206 -7.41 16.38 -26.85
C ASN D 206 -8.36 17.47 -27.33
N VAL D 207 -8.52 17.56 -28.66
CA VAL D 207 -9.36 18.58 -29.25
C VAL D 207 -10.84 18.25 -29.02
N GLY D 208 -11.66 19.29 -28.97
CA GLY D 208 -13.09 19.11 -28.79
C GLY D 208 -13.70 20.05 -27.78
N PHE D 209 -14.26 19.48 -26.70
CA PHE D 209 -14.93 20.27 -25.67
C PHE D 209 -13.87 20.91 -24.76
N ASP D 210 -13.06 21.78 -25.37
CA ASP D 210 -11.93 22.38 -24.69
C ASP D 210 -12.41 23.50 -23.79
N SER D 211 -12.39 23.27 -22.47
CA SER D 211 -12.82 24.29 -21.53
C SER D 211 -11.89 24.44 -20.33
N GLY D 212 -10.84 23.63 -20.21
CA GLY D 212 -9.81 23.86 -19.23
C GLY D 212 -10.16 23.61 -17.78
N ILE D 213 -10.37 22.34 -17.41
CA ILE D 213 -10.46 21.95 -16.01
C ILE D 213 -9.54 20.76 -15.81
N ASP D 214 -9.24 20.05 -16.91
CA ASP D 214 -8.51 18.79 -16.82
C ASP D 214 -7.09 18.99 -16.33
N ARG D 215 -6.28 19.74 -17.09
CA ARG D 215 -4.90 19.98 -16.69
C ARG D 215 -4.79 20.93 -15.51
N ILE D 216 -5.80 21.78 -15.30
CA ILE D 216 -5.80 22.64 -14.12
C ILE D 216 -5.99 21.77 -12.88
N PHE D 217 -5.25 22.11 -11.81
CA PHE D 217 -5.27 21.34 -10.58
C PHE D 217 -6.60 21.60 -9.87
N LEU D 218 -7.63 20.89 -10.33
CA LEU D 218 -8.98 21.04 -9.81
C LEU D 218 -9.50 19.67 -9.41
N VAL D 219 -10.43 19.65 -8.45
CA VAL D 219 -10.91 18.41 -7.85
C VAL D 219 -11.47 17.48 -8.93
N SER D 220 -12.53 17.91 -9.59
CA SER D 220 -13.22 17.07 -10.57
C SER D 220 -13.04 17.65 -11.97
N PRO D 221 -12.12 17.12 -12.76
CA PRO D 221 -11.97 17.58 -14.15
C PRO D 221 -13.11 17.10 -15.03
N ILE D 222 -14.03 18.00 -15.37
CA ILE D 222 -15.21 17.63 -16.14
C ILE D 222 -14.96 17.93 -17.62
N THR D 223 -14.17 18.95 -17.89
CA THR D 223 -13.89 19.39 -19.24
C THR D 223 -12.68 18.63 -19.78
N ILE D 224 -12.15 19.09 -20.91
CA ILE D 224 -10.91 18.55 -21.46
C ILE D 224 -9.96 19.73 -21.68
N VAL D 225 -8.66 19.39 -21.77
CA VAL D 225 -7.67 20.44 -22.00
C VAL D 225 -7.91 21.09 -23.35
N HIS D 226 -7.34 22.29 -23.52
CA HIS D 226 -7.58 23.10 -24.70
C HIS D 226 -6.63 22.70 -25.82
N GLU D 227 -7.18 22.35 -26.97
CA GLU D 227 -6.42 22.08 -28.19
C GLU D 227 -6.98 22.97 -29.29
N ILE D 228 -6.23 24.00 -29.66
CA ILE D 228 -6.66 24.97 -30.65
C ILE D 228 -6.74 24.31 -32.01
N ASP D 229 -7.33 25.01 -32.99
CA ASP D 229 -7.51 24.48 -34.33
C ASP D 229 -6.17 24.25 -35.02
N GLU D 230 -6.21 23.77 -36.26
CA GLU D 230 -5.11 23.27 -37.08
C GLU D 230 -4.73 21.86 -36.67
N ASP D 231 -5.37 21.30 -35.64
CA ASP D 231 -5.23 19.89 -35.31
C ASP D 231 -6.49 19.08 -35.61
N SER D 232 -7.64 19.74 -35.71
CA SER D 232 -8.92 19.15 -36.05
C SER D 232 -9.38 19.64 -37.42
N PRO D 233 -10.10 18.81 -38.18
CA PRO D 233 -10.51 19.21 -39.54
C PRO D 233 -11.66 20.20 -39.55
N LEU D 234 -11.92 20.85 -38.42
CA LEU D 234 -13.03 21.78 -38.29
C LEU D 234 -12.65 23.24 -38.58
N TYR D 235 -11.65 23.45 -39.44
CA TYR D 235 -11.31 24.80 -39.90
C TYR D 235 -12.57 25.44 -40.48
N ASP D 236 -13.07 24.87 -41.57
CA ASP D 236 -14.35 25.22 -42.15
C ASP D 236 -15.12 23.93 -42.37
N LEU D 237 -16.44 23.99 -42.18
CA LEU D 237 -17.33 22.83 -42.29
C LEU D 237 -17.07 21.84 -41.16
N SER D 238 -18.10 21.54 -40.38
CA SER D 238 -17.96 20.65 -39.24
C SER D 238 -19.27 19.87 -39.07
N LYS D 239 -19.47 19.31 -37.88
CA LYS D 239 -20.63 18.49 -37.56
C LYS D 239 -20.67 17.24 -38.43
N GLN D 240 -21.43 17.26 -39.52
CA GLN D 240 -21.73 16.03 -40.24
C GLN D 240 -20.58 15.56 -41.12
N ASP D 241 -19.78 16.49 -41.65
CA ASP D 241 -18.65 16.08 -42.49
C ASP D 241 -17.66 15.21 -41.74
N ILE D 242 -17.45 15.51 -40.45
CA ILE D 242 -16.61 14.65 -39.61
C ILE D 242 -17.41 13.57 -38.91
N ASP D 243 -18.72 13.75 -38.76
CA ASP D 243 -19.55 12.72 -38.14
C ASP D 243 -19.64 11.49 -39.05
N ASN D 244 -19.76 11.70 -40.35
CA ASN D 244 -19.86 10.58 -41.27
C ASN D 244 -18.51 9.90 -41.47
N ALA D 245 -17.43 10.67 -41.57
CA ALA D 245 -16.10 10.14 -41.78
C ALA D 245 -15.42 9.95 -40.42
N ASP D 246 -15.41 8.72 -39.93
CA ASP D 246 -14.85 8.42 -38.62
C ASP D 246 -14.56 6.93 -38.53
N PHE D 247 -13.49 6.59 -37.81
CA PHE D 247 -13.14 5.19 -37.58
C PHE D 247 -13.24 4.82 -36.10
N GLU D 248 -12.51 5.50 -35.22
CA GLU D 248 -12.53 5.21 -33.79
C GLU D 248 -12.16 6.46 -33.03
N ILE D 249 -13.08 6.94 -32.20
CA ILE D 249 -12.86 8.12 -31.38
C ILE D 249 -13.08 7.71 -29.92
N VAL D 250 -12.66 6.48 -29.61
CA VAL D 250 -12.77 5.93 -28.26
C VAL D 250 -12.19 6.92 -27.25
N VAL D 251 -13.02 7.32 -26.28
CA VAL D 251 -12.60 8.31 -25.29
C VAL D 251 -12.30 7.60 -23.98
N ILE D 252 -11.06 7.72 -23.51
CA ILE D 252 -10.63 7.09 -22.27
C ILE D 252 -9.96 8.12 -21.38
N LEU D 253 -10.44 8.23 -20.13
CA LEU D 253 -9.84 9.09 -19.13
C LEU D 253 -8.84 8.28 -18.33
N GLU D 254 -7.93 8.98 -17.64
CA GLU D 254 -6.83 8.31 -16.96
C GLU D 254 -6.58 8.96 -15.61
N GLY D 255 -6.07 8.16 -14.67
CA GLY D 255 -5.54 8.67 -13.42
C GLY D 255 -6.53 9.22 -12.41
N MET D 256 -7.36 8.35 -11.83
CA MET D 256 -8.29 8.80 -10.78
C MET D 256 -7.93 8.25 -9.40
N VAL D 257 -7.69 6.95 -9.31
CA VAL D 257 -7.60 6.28 -8.01
C VAL D 257 -6.17 6.40 -7.50
N GLU D 258 -5.85 7.56 -6.91
CA GLU D 258 -4.57 7.80 -6.25
C GLU D 258 -3.36 7.53 -7.15
N ALA D 259 -3.61 7.30 -8.44
CA ALA D 259 -2.53 6.98 -9.37
C ALA D 259 -3.03 6.90 -10.80
N THR D 260 -2.13 7.15 -11.74
CA THR D 260 -2.49 7.16 -13.16
C THR D 260 -2.45 5.76 -13.77
N ALA D 261 -2.07 4.75 -12.99
CA ALA D 261 -1.81 3.43 -13.57
C ALA D 261 -3.00 2.49 -13.49
N MET D 262 -3.56 2.26 -12.29
CA MET D 262 -4.74 1.40 -12.19
C MET D 262 -5.94 2.07 -12.84
N THR D 263 -6.18 3.35 -12.52
CA THR D 263 -7.17 4.23 -13.13
C THR D 263 -8.43 3.52 -13.61
N THR D 264 -8.94 3.90 -14.77
CA THR D 264 -9.99 3.14 -15.45
C THR D 264 -9.85 3.33 -16.95
N GLN D 265 -9.86 2.23 -17.71
CA GLN D 265 -9.69 2.30 -19.15
C GLN D 265 -10.92 1.77 -19.89
N CYS D 266 -12.11 2.18 -19.47
CA CYS D 266 -13.33 1.81 -20.19
C CYS D 266 -13.29 2.39 -21.59
N HIS D 267 -13.79 1.65 -22.57
CA HIS D 267 -13.70 2.08 -23.96
C HIS D 267 -14.45 3.38 -24.19
N SER D 268 -15.78 3.33 -24.09
CA SER D 268 -16.60 4.51 -24.40
C SER D 268 -16.25 5.03 -25.78
N SER D 269 -16.59 4.28 -26.83
CA SER D 269 -16.18 4.63 -28.18
C SER D 269 -16.67 6.02 -28.56
N TYR D 270 -17.97 6.28 -28.44
CA TYR D 270 -18.56 7.58 -28.72
C TYR D 270 -18.10 8.11 -30.08
N LEU D 271 -18.12 7.24 -31.08
CA LEU D 271 -17.61 7.60 -32.40
C LEU D 271 -18.47 8.71 -33.02
N ALA D 272 -17.90 9.42 -33.98
CA ALA D 272 -18.57 10.57 -34.57
C ALA D 272 -19.89 10.20 -35.23
N ASN D 273 -20.09 8.92 -35.55
CA ASN D 273 -21.40 8.50 -36.05
C ASN D 273 -22.48 8.70 -35.01
N GLU D 274 -22.17 8.43 -33.74
CA GLU D 274 -23.10 8.65 -32.63
C GLU D 274 -22.85 9.97 -31.93
N ILE D 275 -22.41 10.98 -32.68
CA ILE D 275 -22.30 12.34 -32.17
C ILE D 275 -23.20 13.21 -33.05
N LEU D 276 -24.33 12.64 -33.46
CA LEU D 276 -25.21 13.24 -34.45
C LEU D 276 -26.09 14.32 -33.82
N TRP D 277 -25.75 15.58 -34.09
CA TRP D 277 -26.64 16.73 -33.94
C TRP D 277 -27.13 16.97 -32.52
N GLY D 278 -26.58 16.30 -31.52
CA GLY D 278 -26.96 16.66 -30.17
C GLY D 278 -28.22 15.97 -29.68
N HIS D 279 -29.36 16.66 -29.88
CA HIS D 279 -30.71 16.14 -29.61
C HIS D 279 -30.88 15.66 -28.18
N ARG D 280 -30.36 16.44 -27.21
CA ARG D 280 -30.66 16.24 -25.79
C ARG D 280 -30.82 17.62 -25.16
N TYR D 281 -32.04 18.17 -25.27
CA TYR D 281 -32.26 19.54 -24.81
C TYR D 281 -32.14 19.64 -23.30
N GLU D 282 -33.18 19.23 -22.59
CA GLU D 282 -33.19 18.95 -21.16
C GLU D 282 -34.56 18.39 -20.80
N PRO D 283 -34.64 17.20 -20.20
CA PRO D 283 -35.91 16.76 -19.62
C PRO D 283 -36.18 17.34 -18.23
N VAL D 284 -35.29 18.18 -17.70
CA VAL D 284 -35.54 18.81 -16.42
C VAL D 284 -36.65 19.84 -16.54
N LEU D 285 -37.44 19.99 -15.47
CA LEU D 285 -38.50 20.99 -15.45
C LEU D 285 -38.02 22.37 -15.05
N PHE D 286 -36.82 22.49 -14.47
CA PHE D 286 -36.26 23.77 -14.05
C PHE D 286 -35.03 24.17 -14.85
N GLU D 287 -34.15 23.23 -15.13
CA GLU D 287 -32.96 23.39 -15.98
C GLU D 287 -31.84 24.19 -15.34
N GLU D 288 -32.08 24.83 -14.19
CA GLU D 288 -30.97 25.54 -13.55
C GLU D 288 -30.89 25.47 -12.02
N LYS D 289 -31.98 25.26 -11.29
CA LYS D 289 -31.90 25.52 -9.84
C LYS D 289 -31.40 24.38 -8.96
N HIS D 290 -32.23 23.36 -8.75
CA HIS D 290 -31.95 22.37 -7.70
C HIS D 290 -32.98 21.25 -7.79
N TYR D 291 -32.56 19.99 -7.87
CA TYR D 291 -33.50 18.96 -8.31
C TYR D 291 -33.83 17.88 -7.28
N TYR D 292 -32.88 17.04 -6.85
CA TYR D 292 -33.28 15.74 -6.32
C TYR D 292 -33.13 15.58 -4.82
N LYS D 293 -31.95 15.81 -4.25
CA LYS D 293 -31.62 15.42 -2.88
C LYS D 293 -31.71 13.91 -2.65
N VAL D 294 -32.00 13.13 -3.70
CA VAL D 294 -32.16 11.68 -3.54
C VAL D 294 -31.22 10.89 -4.46
N ASP D 295 -31.33 11.05 -5.78
CA ASP D 295 -30.58 10.19 -6.70
C ASP D 295 -30.78 10.69 -8.14
N TYR D 296 -29.97 10.15 -9.04
CA TYR D 296 -30.09 10.43 -10.46
C TYR D 296 -31.28 9.68 -11.06
N SER D 297 -31.76 10.18 -12.20
CA SER D 297 -32.90 9.55 -12.88
C SER D 297 -32.59 9.11 -14.30
N ARG D 298 -32.12 10.01 -15.17
CA ARG D 298 -32.06 9.75 -16.60
C ARG D 298 -30.65 9.72 -17.18
N PHE D 299 -29.63 9.80 -16.32
CA PHE D 299 -28.23 9.65 -16.72
C PHE D 299 -27.71 10.81 -17.57
N HIS D 300 -27.80 10.67 -18.90
CA HIS D 300 -26.91 11.39 -19.80
C HIS D 300 -27.50 12.58 -20.53
N LYS D 301 -28.82 12.64 -20.70
CA LYS D 301 -29.42 13.57 -21.65
C LYS D 301 -29.02 15.01 -21.36
N THR D 302 -28.22 15.60 -22.25
CA THR D 302 -27.67 16.94 -22.06
C THR D 302 -27.12 17.43 -23.40
N TYR D 303 -27.21 18.75 -23.61
CA TYR D 303 -26.50 19.46 -24.69
C TYR D 303 -27.02 19.18 -26.10
N GLU D 304 -28.30 19.41 -26.34
CA GLU D 304 -28.83 19.35 -27.69
C GLU D 304 -28.15 20.36 -28.61
N VAL D 305 -28.31 20.13 -29.92
CA VAL D 305 -28.01 21.13 -30.93
C VAL D 305 -28.70 20.76 -32.23
N PRO D 306 -30.05 20.79 -32.29
CA PRO D 306 -30.73 20.58 -33.57
C PRO D 306 -30.87 21.87 -34.34
N ASN D 307 -29.80 22.67 -34.37
CA ASN D 307 -29.80 23.96 -35.03
C ASN D 307 -28.71 24.07 -36.08
N THR D 308 -27.53 23.52 -35.82
CA THR D 308 -26.46 23.54 -36.80
C THR D 308 -26.75 22.50 -37.88
N PRO D 309 -26.86 22.90 -39.14
CA PRO D 309 -27.20 21.95 -40.20
C PRO D 309 -26.03 21.04 -40.58
N LEU D 310 -26.20 20.31 -41.69
CA LEU D 310 -25.13 19.46 -42.20
C LEU D 310 -23.82 20.24 -42.34
N CYS D 311 -23.91 21.47 -42.83
CA CYS D 311 -22.76 22.35 -42.96
C CYS D 311 -22.65 23.25 -41.74
N SER D 312 -21.47 23.31 -41.15
CA SER D 312 -21.27 24.11 -39.95
C SER D 312 -19.81 24.53 -39.87
N ALA D 313 -19.54 25.79 -40.22
CA ALA D 313 -18.19 26.34 -40.09
C ALA D 313 -17.90 26.67 -38.64
N ARG D 314 -16.66 26.42 -38.22
CA ARG D 314 -16.26 26.65 -36.83
C ARG D 314 -15.30 27.83 -36.71
N ASP D 315 -14.18 27.81 -37.44
CA ASP D 315 -13.17 28.85 -37.30
C ASP D 315 -13.01 29.69 -38.56
N LEU D 316 -12.94 29.05 -39.74
CA LEU D 316 -12.77 29.81 -40.96
C LEU D 316 -13.97 30.71 -41.24
N ALA D 317 -15.18 30.20 -41.01
CA ALA D 317 -16.42 30.93 -41.22
C ALA D 317 -16.52 31.47 -42.64
#